data_4XMI
#
_entry.id   4XMI
#
_cell.length_a   76.295
_cell.length_b   82.651
_cell.length_c   117.152
_cell.angle_alpha   90.000
_cell.angle_beta   90.000
_cell.angle_gamma   90.000
#
_symmetry.space_group_name_H-M   'P 21 21 21'
#
loop_
_entity.id
_entity.type
_entity.pdbx_description
1 polymer 'Sialidase B'
2 non-polymer 'DIMETHYL SULFOXIDE'
3 non-polymer 'PHOSPHATE ION'
4 water water
#
_entity_poly.entity_id   1
_entity_poly.type   'polypeptide(L)'
_entity_poly.pdbx_seq_one_letter_code
;ISPIFQGGSYQLNNKSIDISSLLLDKLSGESQTVVMKFKADKPNSLQALFGLSNSKAGFKNNYFSIFMRDSGEIGVEIRD
AQKGINYLFSRPASLWGKHKGQAVENTLVFVSDSKDKTYTMYVNGIEVFSETVDTFLPISNINGIDKATLGAVNREGKEH
YLAKGSIDEISLFNKAISDQEVSTIPLSNPFQLIFQSGDSTQANYFRIPTLYTLSSGRVLSSIDARYGGTHDSKSKINIA
TSYSDDNGKTWSEPIFAMKFNDYEEQLVYWPRDNKLKNSQISGSASFIDSSIVEDKKSGKTILLADVMPAGIGNNNANKA
DSGFKEINGHYYLKLKKNGDNDFRYTVRENGVVYNETTNKPTNYTINDKYEVLEGGKSLTVEQYSVDFDSGSLRERHNGK
QVPMNVFYKDSLFKVTPTNYIAMTTSQNRGESWEQFKLLPPFLGEKHNGTYLCPGQGLALGSSNRLIFATYTSGELTYLI
SDDSGQTWKKSSASIPFKNATAEAQMVELRDGVIRTFFRTTTGKIAYMTSRDSGETWSKVSYIDGIQQTSYGTQVSAIKY
SQLIDGKEAVILSTPNSRSGRKGGQLVVGLVNKEDDSIDWKYHYGIDLPSYGYAYSAITELPNHHIGVLFEKYDSWSRNE
LHLSNVVQYIDLEINDLT
;
_entity_poly.pdbx_strand_id   A
#
loop_
_chem_comp.id
_chem_comp.type
_chem_comp.name
_chem_comp.formula
DMS non-polymer 'DIMETHYL SULFOXIDE' 'C2 H6 O S'
PO4 non-polymer 'PHOSPHATE ION' 'O4 P -3'
#
# COMPACT_ATOMS: atom_id res chain seq x y z
N ILE A 1 12.72 -33.65 -8.28
CA ILE A 1 13.98 -34.02 -8.91
C ILE A 1 15.20 -33.43 -8.18
N SER A 2 16.38 -33.99 -8.43
CA SER A 2 17.63 -33.42 -7.93
C SER A 2 18.14 -32.34 -8.88
N PRO A 3 18.94 -31.39 -8.37
CA PRO A 3 19.56 -30.43 -9.27
C PRO A 3 20.58 -31.11 -10.17
N ILE A 4 20.81 -30.55 -11.36
CA ILE A 4 21.84 -31.02 -12.27
C ILE A 4 23.12 -30.30 -11.94
N PHE A 5 22.96 -29.16 -11.24
CA PHE A 5 24.08 -28.36 -10.82
C PHE A 5 23.73 -27.69 -9.50
N GLN A 6 24.72 -27.58 -8.62
CA GLN A 6 24.54 -26.96 -7.33
C GLN A 6 25.88 -26.43 -6.84
N GLY A 7 25.92 -25.14 -6.52
CA GLY A 7 27.15 -24.51 -6.10
C GLY A 7 26.87 -23.43 -5.09
N GLY A 8 27.89 -22.97 -4.38
CA GLY A 8 27.67 -21.97 -3.35
C GLY A 8 28.87 -21.15 -2.90
N SER A 9 28.58 -20.17 -2.04
CA SER A 9 29.54 -19.15 -1.62
C SER A 9 30.37 -18.56 -2.76
N TYR A 10 29.70 -17.99 -3.74
CA TYR A 10 30.39 -17.27 -4.80
C TYR A 10 30.39 -15.79 -4.47
N GLN A 11 31.58 -15.19 -4.42
CA GLN A 11 31.66 -13.76 -4.21
C GLN A 11 31.75 -13.08 -5.58
N LEU A 12 30.87 -12.13 -5.81
CA LEU A 12 30.87 -11.38 -7.06
C LEU A 12 31.42 -9.98 -6.79
N ASN A 13 32.71 -9.78 -7.06
CA ASN A 13 33.32 -8.49 -6.79
C ASN A 13 33.76 -7.83 -8.09
N ASN A 14 32.79 -7.50 -8.92
CA ASN A 14 33.06 -6.92 -10.23
C ASN A 14 34.03 -7.75 -11.04
N LYS A 15 33.84 -9.06 -10.96
CA LYS A 15 34.61 -10.01 -11.74
C LYS A 15 33.80 -11.30 -11.82
N SER A 16 33.42 -11.67 -13.05
CA SER A 16 32.54 -12.82 -13.26
C SER A 16 33.22 -14.13 -12.88
N ILE A 17 32.40 -15.15 -12.63
CA ILE A 17 32.88 -16.50 -12.37
C ILE A 17 32.36 -17.43 -13.45
N ASP A 18 33.27 -18.14 -14.11
CA ASP A 18 32.91 -19.05 -15.17
C ASP A 18 32.53 -20.41 -14.60
N ILE A 19 31.31 -20.87 -14.86
CA ILE A 19 30.88 -22.19 -14.41
C ILE A 19 30.49 -23.07 -15.60
N SER A 20 31.02 -22.74 -16.77
CA SER A 20 30.64 -23.43 -18.00
C SER A 20 30.87 -24.94 -17.94
N SER A 21 32.06 -25.34 -17.52
CA SER A 21 32.44 -26.75 -17.45
C SER A 21 31.51 -27.54 -16.55
N LEU A 22 31.05 -26.91 -15.48
CA LEU A 22 30.22 -27.61 -14.49
C LEU A 22 28.76 -27.71 -14.93
N LEU A 23 28.31 -26.75 -15.76
CA LEU A 23 26.88 -26.63 -16.03
C LEU A 23 26.42 -26.98 -17.44
N LEU A 24 27.10 -26.48 -18.46
CA LEU A 24 26.57 -26.50 -19.83
C LEU A 24 26.18 -27.88 -20.35
N ASP A 25 27.04 -28.87 -20.12
CA ASP A 25 26.71 -30.23 -20.59
C ASP A 25 25.69 -30.95 -19.71
N LYS A 26 25.26 -30.30 -18.62
CA LYS A 26 24.22 -30.85 -17.75
C LYS A 26 22.82 -30.45 -18.21
N LEU A 27 22.74 -29.32 -18.90
CA LEU A 27 21.46 -28.80 -19.37
C LEU A 27 20.87 -29.68 -20.47
N SER A 28 19.61 -30.08 -20.29
CA SER A 28 18.95 -30.92 -21.27
C SER A 28 17.44 -30.73 -21.24
N GLY A 29 16.80 -30.88 -22.39
CA GLY A 29 15.37 -30.63 -22.49
C GLY A 29 15.10 -29.13 -22.48
N GLU A 30 13.83 -28.77 -22.60
CA GLU A 30 13.48 -27.40 -22.91
C GLU A 30 12.92 -26.62 -21.72
N SER A 31 12.83 -27.29 -20.58
CA SER A 31 12.28 -26.67 -19.36
C SER A 31 13.35 -26.62 -18.28
N GLN A 32 13.46 -25.49 -17.58
CA GLN A 32 14.48 -25.36 -16.54
C GLN A 32 14.01 -24.52 -15.36
N THR A 33 14.58 -24.79 -14.20
CA THR A 33 14.32 -23.98 -13.01
C THR A 33 15.65 -23.53 -12.42
N VAL A 34 15.77 -22.24 -12.12
CA VAL A 34 16.95 -21.73 -11.43
C VAL A 34 16.55 -21.31 -10.02
N VAL A 35 17.25 -21.83 -9.01
CA VAL A 35 17.01 -21.44 -7.63
C VAL A 35 18.27 -20.75 -7.16
N MET A 36 18.16 -19.52 -6.69
CA MET A 36 19.35 -18.74 -6.33
C MET A 36 19.13 -17.97 -5.03
N LYS A 37 20.02 -18.18 -4.06
CA LYS A 37 20.04 -17.37 -2.85
C LYS A 37 21.23 -16.41 -2.94
N PHE A 38 20.94 -15.12 -2.91
CA PHE A 38 21.97 -14.12 -3.19
C PHE A 38 21.82 -12.87 -2.35
N LYS A 39 22.94 -12.19 -2.12
CA LYS A 39 22.96 -10.92 -1.42
C LYS A 39 23.48 -9.86 -2.35
N ALA A 40 22.91 -8.66 -2.24
CA ALA A 40 23.40 -7.50 -2.97
C ALA A 40 23.03 -6.26 -2.18
N ASP A 41 23.94 -5.83 -1.31
CA ASP A 41 23.66 -4.68 -0.47
C ASP A 41 24.38 -3.45 -0.98
N LYS A 42 25.24 -3.64 -1.97
CA LYS A 42 25.88 -2.50 -2.64
C LYS A 42 25.89 -2.75 -4.15
N PRO A 43 24.72 -2.94 -4.75
CA PRO A 43 24.71 -3.34 -6.16
C PRO A 43 25.13 -2.21 -7.09
N ASN A 44 25.68 -2.56 -8.24
CA ASN A 44 25.87 -1.61 -9.32
C ASN A 44 24.50 -1.21 -9.88
N SER A 45 24.48 -0.23 -10.78
CA SER A 45 23.23 0.28 -11.33
C SER A 45 22.41 -0.81 -12.02
N LEU A 46 23.09 -1.62 -12.82
CA LEU A 46 22.46 -2.70 -13.56
C LEU A 46 23.46 -3.84 -13.60
N GLN A 47 23.09 -4.97 -13.04
CA GLN A 47 24.04 -6.09 -13.00
C GLN A 47 23.39 -7.43 -13.22
N ALA A 48 24.11 -8.33 -13.89
CA ALA A 48 23.63 -9.69 -14.10
C ALA A 48 24.13 -10.60 -13.00
N LEU A 49 23.21 -11.41 -12.46
CA LEU A 49 23.59 -12.37 -11.43
C LEU A 49 24.01 -13.67 -12.07
N PHE A 50 23.28 -14.07 -13.11
CA PHE A 50 23.51 -15.34 -13.78
C PHE A 50 23.36 -15.14 -15.27
N GLY A 51 24.21 -15.78 -16.06
CA GLY A 51 24.12 -15.69 -17.50
C GLY A 51 24.42 -16.99 -18.22
N LEU A 52 23.75 -17.16 -19.36
CA LEU A 52 24.05 -18.21 -20.33
C LEU A 52 24.15 -17.50 -21.67
N SER A 53 25.31 -17.56 -22.31
CA SER A 53 25.48 -16.75 -23.51
C SER A 53 26.30 -17.43 -24.59
N ASN A 54 26.11 -16.96 -25.82
CA ASN A 54 27.04 -17.23 -26.90
C ASN A 54 28.08 -16.12 -26.84
N SER A 55 29.32 -16.45 -26.46
CA SER A 55 30.34 -15.44 -26.24
C SER A 55 31.10 -15.06 -27.52
N LYS A 56 30.67 -15.61 -28.65
CA LYS A 56 31.41 -15.41 -29.89
C LYS A 56 31.13 -14.10 -30.63
N ALA A 57 32.14 -13.64 -31.38
CA ALA A 57 31.99 -12.43 -32.20
C ALA A 57 30.76 -12.56 -33.10
N GLY A 58 29.94 -11.52 -33.16
CA GLY A 58 28.79 -11.54 -34.04
C GLY A 58 27.51 -12.06 -33.42
N PHE A 59 27.58 -12.54 -32.18
CA PHE A 59 26.40 -13.10 -31.50
C PHE A 59 26.15 -12.44 -30.15
N LYS A 60 26.37 -11.14 -30.05
CA LYS A 60 26.28 -10.45 -28.77
C LYS A 60 24.86 -10.37 -28.22
N ASN A 61 23.88 -10.66 -29.08
CA ASN A 61 22.49 -10.62 -28.68
C ASN A 61 21.89 -12.03 -28.56
N ASN A 62 22.76 -13.00 -28.30
CA ASN A 62 22.34 -14.36 -28.04
C ASN A 62 22.68 -14.75 -26.61
N TYR A 63 21.78 -14.47 -25.68
CA TYR A 63 22.03 -14.79 -24.28
C TYR A 63 20.76 -14.85 -23.43
N PHE A 64 20.88 -15.55 -22.30
CA PHE A 64 19.88 -15.52 -21.22
C PHE A 64 20.57 -14.92 -20.01
N SER A 65 19.86 -14.07 -19.29
CA SER A 65 20.41 -13.50 -18.08
C SER A 65 19.33 -13.28 -17.05
N ILE A 66 19.70 -13.37 -15.78
CA ILE A 66 18.85 -12.91 -14.69
C ILE A 66 19.55 -11.67 -14.18
N PHE A 67 18.88 -10.53 -14.20
CA PHE A 67 19.55 -9.27 -13.84
C PHE A 67 18.76 -8.55 -12.77
N MET A 68 19.41 -7.57 -12.12
CA MET A 68 18.75 -6.71 -11.16
C MET A 68 19.24 -5.28 -11.35
N ARG A 69 18.48 -4.32 -10.84
CA ARG A 69 18.90 -2.92 -10.87
C ARG A 69 19.05 -2.43 -9.43
N ASP A 70 19.76 -1.34 -9.24
CA ASP A 70 19.91 -0.77 -7.90
C ASP A 70 18.62 -0.11 -7.38
N SER A 71 17.56 -0.14 -8.18
CA SER A 71 16.23 0.25 -7.74
C SER A 71 15.51 -0.90 -6.99
N GLY A 72 16.07 -2.11 -7.07
CA GLY A 72 15.41 -3.28 -6.49
C GLY A 72 14.66 -4.10 -7.53
N GLU A 73 14.67 -3.63 -8.77
CA GLU A 73 14.04 -4.36 -9.87
C GLU A 73 14.77 -5.68 -10.16
N ILE A 74 14.01 -6.72 -10.50
CA ILE A 74 14.57 -8.01 -10.92
C ILE A 74 13.99 -8.32 -12.30
N GLY A 75 14.77 -9.01 -13.14
CA GLY A 75 14.24 -9.38 -14.44
C GLY A 75 15.06 -10.45 -15.15
N VAL A 76 14.59 -10.85 -16.33
CA VAL A 76 15.37 -11.74 -17.17
C VAL A 76 15.37 -11.20 -18.58
N GLU A 77 16.42 -11.51 -19.33
CA GLU A 77 16.44 -11.34 -20.78
C GLU A 77 16.60 -12.72 -21.40
N ILE A 78 15.91 -12.97 -22.51
CA ILE A 78 16.07 -14.22 -23.23
C ILE A 78 16.12 -13.87 -24.70
N ARG A 79 17.30 -13.99 -25.30
CA ARG A 79 17.55 -13.39 -26.61
C ARG A 79 18.22 -14.36 -27.56
N ASP A 80 17.72 -14.42 -28.80
CA ASP A 80 18.33 -15.23 -29.85
C ASP A 80 18.09 -14.53 -31.20
N ALA A 81 19.16 -14.02 -31.80
CA ALA A 81 19.03 -13.17 -32.99
C ALA A 81 18.60 -13.95 -34.22
N GLN A 82 19.03 -15.21 -34.30
CA GLN A 82 18.67 -16.05 -35.44
C GLN A 82 17.18 -16.40 -35.40
N LYS A 83 16.63 -16.46 -34.19
CA LYS A 83 15.22 -16.76 -34.00
C LYS A 83 14.38 -15.50 -34.01
N GLY A 84 15.03 -14.34 -33.96
CA GLY A 84 14.31 -13.08 -33.94
C GLY A 84 13.55 -12.86 -32.63
N ILE A 85 14.12 -13.38 -31.54
CA ILE A 85 13.48 -13.29 -30.23
C ILE A 85 14.31 -12.46 -29.24
N ASN A 86 13.67 -11.45 -28.66
CA ASN A 86 14.29 -10.64 -27.61
C ASN A 86 13.32 -10.38 -26.47
N TYR A 87 13.22 -11.35 -25.57
CA TYR A 87 12.27 -11.25 -24.45
C TYR A 87 12.91 -10.51 -23.30
N LEU A 88 12.13 -9.64 -22.67
CA LEU A 88 12.55 -8.91 -21.49
C LEU A 88 11.36 -8.93 -20.55
N PHE A 89 11.51 -9.61 -19.42
CA PHE A 89 10.45 -9.64 -18.41
C PHE A 89 11.07 -9.13 -17.12
N SER A 90 10.35 -8.29 -16.38
CA SER A 90 10.90 -7.75 -15.15
C SER A 90 9.79 -7.20 -14.26
N ARG A 91 10.12 -6.99 -12.99
CA ARG A 91 9.24 -6.20 -12.13
C ARG A 91 10.06 -5.35 -11.18
N PRO A 92 9.75 -4.04 -11.10
CA PRO A 92 10.38 -3.17 -10.12
C PRO A 92 10.14 -3.64 -8.68
N ALA A 93 10.93 -3.12 -7.74
CA ALA A 93 10.71 -3.33 -6.32
C ALA A 93 10.47 -4.79 -5.89
N SER A 94 11.39 -5.68 -6.27
CA SER A 94 11.23 -7.10 -5.99
C SER A 94 12.19 -7.62 -4.93
N LEU A 95 13.14 -6.78 -4.51
CA LEU A 95 14.28 -7.25 -3.70
C LEU A 95 14.43 -6.57 -2.35
N TRP A 96 15.11 -7.25 -1.43
CA TRP A 96 15.65 -6.63 -0.23
C TRP A 96 17.16 -6.44 -0.36
N GLY A 97 17.68 -5.43 0.32
CA GLY A 97 19.11 -5.19 0.30
C GLY A 97 19.74 -5.47 1.65
N LYS A 98 19.22 -4.80 2.68
CA LYS A 98 19.75 -4.85 4.03
C LYS A 98 18.62 -4.81 5.03
N HIS A 99 18.82 -5.46 6.18
CA HIS A 99 17.87 -5.43 7.29
C HIS A 99 18.68 -5.44 8.58
N LYS A 100 18.43 -4.49 9.47
CA LYS A 100 19.23 -4.37 10.69
C LYS A 100 20.73 -4.32 10.38
N GLY A 101 21.08 -3.62 9.31
CA GLY A 101 22.48 -3.42 8.95
C GLY A 101 23.14 -4.57 8.21
N GLN A 102 22.50 -5.74 8.18
CA GLN A 102 23.08 -6.93 7.57
C GLN A 102 22.48 -7.20 6.19
N ALA A 103 23.32 -7.62 5.25
CA ALA A 103 22.85 -7.97 3.92
C ALA A 103 21.81 -9.09 3.96
N VAL A 104 20.69 -8.87 3.28
CA VAL A 104 19.59 -9.83 3.20
C VAL A 104 19.84 -10.95 2.18
N GLU A 105 19.58 -12.17 2.59
CA GLU A 105 19.64 -13.31 1.68
C GLU A 105 18.31 -13.44 0.92
N ASN A 106 18.28 -12.94 -0.30
CA ASN A 106 17.10 -13.05 -1.16
C ASN A 106 17.04 -14.46 -1.77
N THR A 107 15.83 -14.98 -1.89
CA THR A 107 15.64 -16.30 -2.49
C THR A 107 14.89 -16.15 -3.80
N LEU A 108 15.59 -16.38 -4.91
CA LEU A 108 14.99 -16.21 -6.23
C LEU A 108 14.73 -17.57 -6.85
N VAL A 109 13.55 -17.74 -7.44
CA VAL A 109 13.20 -18.96 -8.18
C VAL A 109 12.67 -18.55 -9.55
N PHE A 110 13.36 -18.96 -10.61
CA PHE A 110 12.91 -18.67 -11.97
C PHE A 110 12.53 -19.96 -12.69
N VAL A 111 11.30 -20.02 -13.18
CA VAL A 111 10.79 -21.22 -13.84
C VAL A 111 10.55 -20.95 -15.33
N SER A 112 11.22 -21.73 -16.17
CA SER A 112 11.07 -21.67 -17.62
C SER A 112 10.38 -22.95 -18.08
N ASP A 113 9.10 -22.83 -18.44
CA ASP A 113 8.21 -23.97 -18.68
C ASP A 113 7.87 -24.10 -20.17
N SER A 114 8.50 -25.04 -20.86
CA SER A 114 8.28 -25.21 -22.30
C SER A 114 6.89 -25.72 -22.62
N LYS A 115 6.35 -26.57 -21.75
CA LYS A 115 5.04 -27.15 -22.01
C LYS A 115 3.93 -26.09 -22.00
N ASP A 116 3.96 -25.22 -20.98
CA ASP A 116 2.96 -24.16 -20.87
C ASP A 116 3.39 -22.88 -21.56
N LYS A 117 4.61 -22.87 -22.09
CA LYS A 117 5.21 -21.70 -22.75
C LYS A 117 5.19 -20.47 -21.83
N THR A 118 5.57 -20.66 -20.57
CA THR A 118 5.44 -19.62 -19.56
C THR A 118 6.76 -19.45 -18.79
N TYR A 119 7.14 -18.19 -18.55
CA TYR A 119 8.28 -17.88 -17.69
C TYR A 119 7.77 -17.23 -16.40
N THR A 120 8.18 -17.75 -15.25
CA THR A 120 7.68 -17.26 -13.98
C THR A 120 8.81 -16.98 -13.02
N MET A 121 8.76 -15.83 -12.35
CA MET A 121 9.78 -15.41 -11.39
C MET A 121 9.19 -15.19 -10.02
N TYR A 122 9.81 -15.82 -9.02
CA TYR A 122 9.50 -15.58 -7.63
C TYR A 122 10.72 -15.01 -6.93
N VAL A 123 10.53 -14.04 -6.04
CA VAL A 123 11.61 -13.59 -5.17
C VAL A 123 11.07 -13.48 -3.75
N ASN A 124 11.76 -14.11 -2.81
CA ASN A 124 11.34 -14.11 -1.41
C ASN A 124 9.93 -14.61 -1.19
N GLY A 125 9.54 -15.65 -1.94
CA GLY A 125 8.24 -16.28 -1.76
C GLY A 125 7.10 -15.53 -2.40
N ILE A 126 7.43 -14.56 -3.26
CA ILE A 126 6.43 -13.74 -3.93
C ILE A 126 6.58 -13.86 -5.43
N GLU A 127 5.50 -14.19 -6.12
CA GLU A 127 5.54 -14.26 -7.58
C GLU A 127 5.55 -12.84 -8.12
N VAL A 128 6.60 -12.45 -8.83
CA VAL A 128 6.71 -11.06 -9.29
C VAL A 128 6.37 -10.90 -10.78
N PHE A 129 6.50 -11.97 -11.55
CA PHE A 129 5.95 -12.00 -12.91
C PHE A 129 5.71 -13.42 -13.40
N SER A 130 4.74 -13.55 -14.29
CA SER A 130 4.44 -14.83 -14.96
C SER A 130 3.95 -14.44 -16.34
N GLU A 131 4.67 -14.85 -17.37
CA GLU A 131 4.36 -14.43 -18.72
C GLU A 131 4.32 -15.60 -19.68
N THR A 132 3.25 -15.70 -20.45
CA THR A 132 3.09 -16.73 -21.47
C THR A 132 3.39 -16.10 -22.84
N VAL A 133 4.12 -16.82 -23.68
CA VAL A 133 4.45 -16.36 -25.03
C VAL A 133 3.96 -17.33 -26.10
N ASP A 134 3.79 -16.82 -27.32
CA ASP A 134 3.36 -17.65 -28.44
C ASP A 134 4.50 -18.53 -28.92
N THR A 135 5.67 -17.93 -29.06
CA THR A 135 6.89 -18.66 -29.44
C THR A 135 7.82 -18.79 -28.24
N PHE A 136 7.92 -20.00 -27.70
CA PHE A 136 8.73 -20.22 -26.51
C PHE A 136 10.21 -20.38 -26.86
N LEU A 137 11.09 -19.79 -26.04
CA LEU A 137 12.53 -19.95 -26.19
C LEU A 137 13.13 -20.58 -24.93
N PRO A 138 13.49 -21.88 -25.02
CA PRO A 138 14.17 -22.53 -23.90
C PRO A 138 15.48 -21.81 -23.64
N ILE A 139 15.80 -21.53 -22.37
CA ILE A 139 16.95 -20.69 -22.03
C ILE A 139 18.25 -21.35 -22.48
N SER A 140 18.18 -22.66 -22.70
CA SER A 140 19.34 -23.45 -23.08
C SER A 140 19.40 -23.65 -24.60
N ASN A 141 18.34 -23.27 -25.29
CA ASN A 141 18.27 -23.47 -26.74
C ASN A 141 18.70 -22.25 -27.55
N ILE A 142 19.30 -21.27 -26.89
CA ILE A 142 19.83 -20.11 -27.59
C ILE A 142 21.02 -20.53 -28.47
N ASN A 143 20.97 -20.10 -29.72
CA ASN A 143 21.92 -20.53 -30.74
C ASN A 143 23.38 -20.28 -30.35
N GLY A 144 24.15 -21.36 -30.18
CA GLY A 144 25.57 -21.26 -29.94
C GLY A 144 26.01 -20.91 -28.52
N ILE A 145 25.15 -21.16 -27.53
CA ILE A 145 25.54 -20.93 -26.15
C ILE A 145 26.83 -21.70 -25.81
N ASP A 146 27.81 -21.00 -25.27
CA ASP A 146 29.07 -21.64 -24.91
C ASP A 146 29.63 -21.17 -23.57
N LYS A 147 28.87 -20.35 -22.85
CA LYS A 147 29.30 -19.86 -21.54
C LYS A 147 28.15 -19.82 -20.52
N ALA A 148 28.43 -20.29 -19.30
CA ALA A 148 27.55 -20.10 -18.15
C ALA A 148 28.34 -19.27 -17.15
N THR A 149 27.76 -18.16 -16.72
CA THR A 149 28.52 -17.14 -16.00
C THR A 149 27.75 -16.63 -14.78
N LEU A 150 28.45 -16.44 -13.66
CA LEU A 150 27.88 -15.77 -12.50
C LEU A 150 28.46 -14.38 -12.40
N GLY A 151 27.60 -13.37 -12.20
CA GLY A 151 28.07 -12.02 -11.97
C GLY A 151 28.43 -11.23 -13.22
N ALA A 152 28.04 -11.72 -14.38
CA ALA A 152 28.20 -10.98 -15.65
C ALA A 152 27.49 -11.75 -16.75
N VAL A 153 27.38 -11.13 -17.92
CA VAL A 153 27.07 -11.87 -19.14
C VAL A 153 28.26 -11.74 -20.08
N ASN A 154 28.78 -12.87 -20.56
CA ASN A 154 29.89 -12.82 -21.50
C ASN A 154 29.37 -12.54 -22.90
N ARG A 155 29.66 -11.35 -23.42
CA ARG A 155 29.27 -11.00 -24.78
C ARG A 155 30.52 -10.68 -25.59
N GLU A 156 30.70 -11.41 -26.69
CA GLU A 156 31.86 -11.23 -27.57
C GLU A 156 33.16 -11.23 -26.75
N GLY A 157 33.21 -12.07 -25.72
CA GLY A 157 34.41 -12.23 -24.91
C GLY A 157 34.64 -11.21 -23.81
N LYS A 158 33.71 -10.29 -23.62
CA LYS A 158 33.83 -9.28 -22.56
C LYS A 158 32.74 -9.39 -21.51
N GLU A 159 33.05 -8.95 -20.29
CA GLU A 159 32.11 -9.02 -19.17
C GLU A 159 31.13 -7.85 -19.18
N HIS A 160 29.87 -8.12 -19.47
CA HIS A 160 28.84 -7.08 -19.45
C HIS A 160 28.00 -7.23 -18.19
N TYR A 161 27.44 -6.13 -17.70
CA TYR A 161 26.57 -6.14 -16.52
C TYR A 161 27.28 -6.74 -15.30
N LEU A 162 28.53 -6.36 -15.08
CA LEU A 162 29.31 -6.86 -13.95
C LEU A 162 28.60 -6.62 -12.62
N ALA A 163 28.55 -7.65 -11.76
CA ALA A 163 27.81 -7.58 -10.50
C ALA A 163 28.71 -7.36 -9.29
N LYS A 164 28.16 -6.71 -8.28
CA LYS A 164 28.72 -6.70 -6.95
C LYS A 164 27.68 -7.33 -6.02
N GLY A 165 28.07 -8.39 -5.32
CA GLY A 165 27.17 -9.08 -4.43
C GLY A 165 27.73 -10.45 -4.15
N SER A 166 26.88 -11.37 -3.68
CA SER A 166 27.29 -12.74 -3.47
C SER A 166 26.16 -13.68 -3.81
N ILE A 167 26.51 -14.84 -4.36
CA ILE A 167 25.56 -15.91 -4.58
C ILE A 167 25.88 -17.04 -3.62
N ASP A 168 25.13 -17.11 -2.54
CA ASP A 168 25.45 -18.05 -1.48
C ASP A 168 25.05 -19.47 -1.89
N GLU A 169 24.01 -19.58 -2.72
CA GLU A 169 23.57 -20.87 -3.25
C GLU A 169 22.96 -20.71 -4.63
N ILE A 170 23.28 -21.64 -5.53
CA ILE A 170 22.58 -21.68 -6.80
C ILE A 170 22.41 -23.14 -7.25
N SER A 171 21.19 -23.48 -7.67
CA SER A 171 20.86 -24.82 -8.16
C SER A 171 20.10 -24.66 -9.46
N LEU A 172 20.32 -25.58 -10.40
CA LEU A 172 19.51 -25.63 -11.62
C LEU A 172 18.90 -27.00 -11.78
N PHE A 173 17.74 -27.06 -12.43
CA PHE A 173 16.99 -28.29 -12.57
C PHE A 173 16.53 -28.37 -14.00
N ASN A 174 16.59 -29.56 -14.58
CA ASN A 174 16.03 -29.79 -15.92
C ASN A 174 14.54 -30.10 -15.84
N LYS A 175 13.81 -29.23 -15.17
CA LYS A 175 12.36 -29.35 -15.06
C LYS A 175 11.75 -28.01 -14.69
N ALA A 176 10.51 -27.78 -15.10
CA ALA A 176 9.78 -26.63 -14.62
C ALA A 176 9.06 -27.06 -13.35
N ILE A 177 9.59 -26.70 -12.19
CA ILE A 177 8.96 -27.12 -10.95
C ILE A 177 7.62 -26.42 -10.73
N SER A 178 6.70 -27.12 -10.07
CA SER A 178 5.35 -26.60 -9.89
C SER A 178 5.32 -25.49 -8.85
N ASP A 179 4.24 -24.71 -8.87
CA ASP A 179 4.01 -23.67 -7.87
C ASP A 179 3.99 -24.26 -6.46
N GLN A 180 3.44 -25.47 -6.34
CA GLN A 180 3.41 -26.21 -5.07
C GLN A 180 4.83 -26.49 -4.59
N GLU A 181 5.68 -26.98 -5.47
CA GLU A 181 7.08 -27.26 -5.12
C GLU A 181 7.85 -26.00 -4.77
N VAL A 182 7.61 -24.91 -5.49
CA VAL A 182 8.24 -23.62 -5.19
C VAL A 182 7.92 -23.19 -3.76
N SER A 183 6.67 -23.37 -3.35
CA SER A 183 6.24 -22.98 -2.01
C SER A 183 6.95 -23.73 -0.88
N THR A 184 7.61 -24.85 -1.21
CA THR A 184 8.34 -25.63 -0.20
C THR A 184 9.80 -25.21 -0.02
N ILE A 185 10.28 -24.32 -0.90
CA ILE A 185 11.67 -23.87 -0.82
C ILE A 185 11.85 -22.92 0.36
N PRO A 186 12.74 -23.28 1.31
CA PRO A 186 12.95 -22.48 2.53
C PRO A 186 13.38 -21.04 2.23
N LEU A 187 12.82 -20.08 2.97
CA LEU A 187 13.15 -18.66 2.72
C LEU A 187 13.95 -18.07 3.87
N SER A 188 14.58 -16.93 3.60
CA SER A 188 15.31 -16.22 4.65
C SER A 188 14.83 -14.78 4.65
N ASN A 189 13.51 -14.58 4.68
CA ASN A 189 12.95 -13.25 4.56
C ASN A 189 13.11 -12.40 5.82
N PRO A 190 13.41 -11.11 5.65
CA PRO A 190 13.49 -10.22 6.82
C PRO A 190 12.13 -9.65 7.17
N PHE A 191 11.11 -9.99 6.39
CA PHE A 191 9.80 -9.38 6.50
C PHE A 191 8.71 -10.45 6.52
N GLN A 192 7.49 -10.04 6.84
CA GLN A 192 6.33 -10.91 6.66
C GLN A 192 5.19 -10.13 6.01
N LEU A 193 4.20 -10.85 5.51
CA LEU A 193 3.04 -10.21 4.91
C LEU A 193 1.85 -10.37 5.86
N ILE A 194 1.06 -9.31 5.98
CA ILE A 194 -0.16 -9.35 6.78
C ILE A 194 -1.30 -9.54 5.78
N PHE A 195 -1.35 -8.62 4.82
CA PHE A 195 -2.27 -8.71 3.70
C PHE A 195 -1.46 -9.15 2.48
N GLN A 196 -2.05 -9.98 1.63
CA GLN A 196 -1.35 -10.49 0.46
C GLN A 196 -2.34 -11.00 -0.60
N SER A 197 -1.87 -11.03 -1.84
CA SER A 197 -2.69 -11.45 -2.96
C SER A 197 -3.20 -12.87 -2.71
N GLY A 198 -4.50 -13.07 -2.89
CA GLY A 198 -5.07 -14.40 -2.77
C GLY A 198 -5.65 -14.63 -1.40
N ASP A 199 -5.51 -13.65 -0.51
CA ASP A 199 -6.11 -13.79 0.80
C ASP A 199 -7.63 -13.56 0.74
N SER A 200 -8.25 -13.45 1.91
CA SER A 200 -9.70 -13.32 2.01
C SER A 200 -10.28 -12.08 1.32
N THR A 201 -9.47 -11.05 1.09
CA THR A 201 -9.99 -9.83 0.48
C THR A 201 -10.20 -10.03 -1.02
N GLN A 202 -9.43 -10.96 -1.58
CA GLN A 202 -9.36 -11.17 -3.03
C GLN A 202 -8.93 -9.94 -3.83
N ALA A 203 -8.32 -8.97 -3.15
CA ALA A 203 -7.69 -7.87 -3.86
C ALA A 203 -6.27 -8.28 -4.21
N ASN A 204 -5.82 -7.93 -5.41
CA ASN A 204 -4.46 -8.27 -5.80
C ASN A 204 -3.47 -7.19 -5.36
N TYR A 205 -3.99 -6.07 -4.85
CA TYR A 205 -3.16 -4.90 -4.50
C TYR A 205 -3.53 -4.33 -3.14
N PHE A 206 -2.55 -3.75 -2.44
CA PHE A 206 -2.80 -3.10 -1.15
C PHE A 206 -2.01 -1.81 -1.06
N ARG A 207 -2.61 -0.81 -0.41
CA ARG A 207 -1.96 0.48 -0.21
C ARG A 207 -2.42 1.06 1.11
N ILE A 208 -1.67 2.03 1.62
CA ILE A 208 -2.08 2.82 2.77
C ILE A 208 -2.23 1.99 4.06
N PRO A 209 -1.11 1.46 4.58
CA PRO A 209 -1.13 0.66 5.80
C PRO A 209 -1.35 1.51 7.07
N THR A 210 -1.99 0.90 8.07
CA THR A 210 -2.05 1.46 9.43
C THR A 210 -1.67 0.38 10.44
N LEU A 211 -1.24 0.81 11.63
CA LEU A 211 -0.98 -0.11 12.75
C LEU A 211 -1.39 0.61 14.01
N TYR A 212 -1.97 -0.12 14.96
CA TYR A 212 -2.34 0.47 16.23
C TYR A 212 -2.34 -0.60 17.31
N THR A 213 -1.61 -0.36 18.40
CA THR A 213 -1.56 -1.33 19.51
C THR A 213 -2.71 -1.10 20.49
N LEU A 214 -3.55 -2.12 20.66
CA LEU A 214 -4.71 -2.01 21.53
C LEU A 214 -4.35 -2.34 22.99
N SER A 215 -5.15 -1.86 23.94
CA SER A 215 -4.84 -2.01 25.35
C SER A 215 -4.70 -3.48 25.80
N SER A 216 -5.36 -4.39 25.08
CA SER A 216 -5.25 -5.83 25.40
C SER A 216 -3.91 -6.42 24.95
N GLY A 217 -3.17 -5.65 24.17
CA GLY A 217 -1.91 -6.14 23.63
C GLY A 217 -2.08 -6.59 22.19
N ARG A 218 -3.33 -6.75 21.76
CA ARG A 218 -3.61 -7.10 20.37
C ARG A 218 -3.14 -5.95 19.49
N VAL A 219 -2.50 -6.26 18.37
CA VAL A 219 -2.06 -5.23 17.45
C VAL A 219 -3.00 -5.28 16.25
N LEU A 220 -3.57 -4.14 15.87
CA LEU A 220 -4.54 -4.10 14.78
C LEU A 220 -3.95 -3.37 13.59
N SER A 221 -4.26 -3.85 12.39
CA SER A 221 -3.79 -3.19 11.17
C SER A 221 -4.98 -2.96 10.25
N SER A 222 -5.02 -1.80 9.58
CA SER A 222 -5.98 -1.60 8.49
C SER A 222 -5.25 -1.23 7.19
N ILE A 223 -5.98 -1.29 6.08
CA ILE A 223 -5.35 -1.18 4.77
C ILE A 223 -6.42 -0.93 3.72
N ASP A 224 -6.04 -0.22 2.64
CA ASP A 224 -6.87 -0.20 1.43
C ASP A 224 -6.67 -1.52 0.70
N ALA A 225 -7.73 -2.33 0.59
CA ALA A 225 -7.69 -3.48 -0.32
C ALA A 225 -8.11 -2.95 -1.70
N ARG A 226 -7.16 -2.84 -2.62
CA ARG A 226 -7.41 -2.19 -3.92
C ARG A 226 -7.50 -3.21 -5.05
N TYR A 227 -8.61 -3.15 -5.78
CA TYR A 227 -8.90 -4.20 -6.74
C TYR A 227 -8.43 -3.84 -8.15
N GLY A 228 -8.66 -2.60 -8.57
CA GLY A 228 -8.35 -2.17 -9.93
C GLY A 228 -6.93 -1.63 -10.07
N GLY A 229 -5.95 -2.49 -9.78
CA GLY A 229 -4.58 -2.03 -9.69
C GLY A 229 -4.41 -1.20 -8.44
N THR A 230 -3.28 -0.51 -8.34
CA THR A 230 -2.97 0.30 -7.16
C THR A 230 -3.54 1.71 -7.22
N HIS A 231 -4.32 2.03 -8.27
CA HIS A 231 -4.84 3.39 -8.47
C HIS A 231 -5.67 3.89 -7.27
N ASP A 232 -5.52 5.18 -6.91
CA ASP A 232 -6.46 5.84 -5.99
C ASP A 232 -7.84 5.82 -6.61
N SER A 233 -8.88 6.01 -5.81
CA SER A 233 -10.23 6.27 -6.31
C SER A 233 -10.18 7.35 -7.40
N LYS A 234 -11.02 7.27 -8.44
CA LYS A 234 -12.08 6.26 -8.60
C LYS A 234 -11.52 4.89 -8.87
N SER A 235 -12.13 3.87 -8.25
CA SER A 235 -11.69 2.48 -8.41
C SER A 235 -12.67 1.60 -7.65
N LYS A 236 -12.32 0.34 -7.47
CA LYS A 236 -12.95 -0.44 -6.42
C LYS A 236 -11.90 -0.64 -5.34
N ILE A 237 -12.22 -0.16 -4.14
CA ILE A 237 -11.34 -0.33 -2.98
C ILE A 237 -12.22 -0.56 -1.76
N ASN A 238 -11.86 -1.55 -0.95
CA ASN A 238 -12.49 -1.79 0.34
C ASN A 238 -11.45 -1.52 1.44
N ILE A 239 -11.91 -1.34 2.68
CA ILE A 239 -11.00 -1.28 3.82
C ILE A 239 -10.97 -2.61 4.54
N ALA A 240 -9.78 -3.19 4.69
CA ALA A 240 -9.64 -4.49 5.37
C ALA A 240 -8.83 -4.36 6.64
N THR A 241 -8.99 -5.32 7.56
CA THR A 241 -8.24 -5.28 8.81
C THR A 241 -7.76 -6.68 9.16
N SER A 242 -6.71 -6.74 9.98
CA SER A 242 -6.13 -8.00 10.45
C SER A 242 -5.50 -7.65 11.78
N TYR A 243 -5.42 -8.61 12.70
CA TYR A 243 -4.80 -8.33 14.00
C TYR A 243 -3.83 -9.43 14.38
N SER A 244 -2.92 -9.07 15.29
CA SER A 244 -1.96 -10.02 15.86
C SER A 244 -2.07 -10.06 17.38
N ASP A 245 -2.14 -11.26 17.93
CA ASP A 245 -2.21 -11.44 19.38
C ASP A 245 -0.88 -11.87 19.96
N ASP A 246 0.13 -11.99 19.11
CA ASP A 246 1.43 -12.46 19.57
C ASP A 246 2.57 -11.50 19.20
N ASN A 247 2.32 -10.20 19.40
CA ASN A 247 3.31 -9.16 19.15
C ASN A 247 3.78 -9.12 17.69
N GLY A 248 2.88 -9.43 16.76
CA GLY A 248 3.19 -9.31 15.35
C GLY A 248 3.79 -10.53 14.67
N LYS A 249 3.98 -11.61 15.42
CA LYS A 249 4.53 -12.83 14.84
C LYS A 249 3.58 -13.49 13.83
N THR A 250 2.30 -13.53 14.16
CA THR A 250 1.27 -14.06 13.25
C THR A 250 0.07 -13.12 13.19
N TRP A 251 -0.67 -13.19 12.08
CA TRP A 251 -1.76 -12.27 11.81
C TRP A 251 -3.01 -13.03 11.37
N SER A 252 -4.18 -12.53 11.76
CA SER A 252 -5.46 -13.16 11.43
C SER A 252 -5.78 -13.01 9.94
N GLU A 253 -6.56 -13.94 9.39
CA GLU A 253 -7.06 -13.77 8.02
C GLU A 253 -7.90 -12.50 7.99
N PRO A 254 -7.67 -11.64 6.98
CA PRO A 254 -8.34 -10.33 6.97
C PRO A 254 -9.86 -10.41 6.88
N ILE A 255 -10.52 -9.40 7.44
CA ILE A 255 -11.96 -9.21 7.27
C ILE A 255 -12.14 -7.79 6.77
N PHE A 256 -13.34 -7.44 6.33
CA PHE A 256 -13.59 -6.07 5.89
C PHE A 256 -14.10 -5.20 7.02
N ALA A 257 -13.60 -3.97 7.10
CA ALA A 257 -14.16 -2.96 8.02
C ALA A 257 -15.21 -2.11 7.29
N MET A 258 -14.93 -1.86 6.00
CA MET A 258 -15.85 -1.13 5.14
C MET A 258 -15.83 -1.72 3.74
N LYS A 259 -17.00 -1.99 3.16
CA LYS A 259 -17.02 -2.63 1.84
C LYS A 259 -18.28 -2.24 1.08
N PHE A 260 -18.14 -2.19 -0.25
CA PHE A 260 -19.28 -2.00 -1.14
C PHE A 260 -19.34 -3.24 -2.01
N ASN A 261 -20.53 -3.57 -2.51
CA ASN A 261 -20.68 -4.77 -3.33
C ASN A 261 -21.27 -4.51 -4.73
N ASP A 262 -21.24 -3.26 -5.17
CA ASP A 262 -21.71 -2.94 -6.52
C ASP A 262 -20.84 -3.59 -7.60
N TYR A 263 -19.57 -3.82 -7.29
CA TYR A 263 -18.67 -4.57 -8.17
C TYR A 263 -18.17 -5.80 -7.43
N GLU A 264 -17.90 -6.87 -8.17
CA GLU A 264 -17.34 -8.11 -7.61
C GLU A 264 -15.95 -7.92 -7.01
N GLU A 265 -15.65 -8.67 -5.95
CA GLU A 265 -14.31 -8.75 -5.40
C GLU A 265 -13.45 -9.64 -6.30
N GLN A 266 -12.74 -9.03 -7.24
CA GLN A 266 -11.96 -9.79 -8.20
C GLN A 266 -10.46 -9.62 -8.02
N LEU A 267 -9.74 -10.74 -8.04
CA LEU A 267 -8.29 -10.69 -8.07
C LEU A 267 -7.86 -10.58 -9.53
N VAL A 268 -7.36 -9.40 -9.91
CA VAL A 268 -7.08 -9.16 -11.33
C VAL A 268 -5.62 -8.78 -11.50
N TYR A 269 -4.99 -9.32 -12.54
CA TYR A 269 -3.63 -8.91 -12.85
C TYR A 269 -3.71 -7.70 -13.75
N TRP A 270 -3.58 -6.52 -13.15
CA TRP A 270 -3.74 -5.26 -13.85
C TRP A 270 -2.58 -5.03 -14.81
N PRO A 271 -2.89 -4.63 -16.06
CA PRO A 271 -1.82 -4.43 -17.05
C PRO A 271 -0.83 -3.36 -16.59
N ARG A 272 0.45 -3.59 -16.90
CA ARG A 272 1.50 -2.65 -16.52
C ARG A 272 2.16 -2.01 -17.75
N ASP A 273 1.65 -2.35 -18.93
CA ASP A 273 2.18 -1.72 -20.15
C ASP A 273 1.72 -0.27 -20.25
N ASN A 274 2.46 0.54 -21.00
CA ASN A 274 2.14 1.97 -21.08
C ASN A 274 0.78 2.28 -21.70
N LYS A 275 0.30 1.41 -22.58
CA LYS A 275 -0.97 1.67 -23.25
C LYS A 275 -2.19 1.48 -22.35
N LEU A 276 -2.09 0.52 -21.43
CA LEU A 276 -3.24 0.13 -20.61
C LEU A 276 -3.10 0.37 -19.10
N LYS A 277 -1.90 0.69 -18.62
CA LYS A 277 -1.71 0.75 -17.17
C LYS A 277 -2.58 1.78 -16.47
N ASN A 278 -3.01 2.80 -17.22
CA ASN A 278 -3.94 3.78 -16.66
C ASN A 278 -5.42 3.39 -16.75
N SER A 279 -5.69 2.16 -17.20
CA SER A 279 -7.04 1.61 -17.09
C SER A 279 -7.49 1.73 -15.64
N GLN A 280 -8.72 2.18 -15.44
CA GLN A 280 -9.21 2.48 -14.11
C GLN A 280 -10.66 2.05 -14.00
N ILE A 281 -11.01 1.33 -12.95
CA ILE A 281 -12.42 0.97 -12.72
C ILE A 281 -13.19 2.27 -12.48
N SER A 282 -14.19 2.52 -13.32
CA SER A 282 -14.75 3.87 -13.42
C SER A 282 -16.20 3.98 -12.99
N GLY A 283 -16.83 2.85 -12.66
CA GLY A 283 -18.22 2.87 -12.23
C GLY A 283 -18.48 2.33 -10.83
N SER A 284 -17.42 2.06 -10.07
CA SER A 284 -17.56 1.48 -8.73
C SER A 284 -17.46 2.51 -7.61
N ALA A 285 -18.18 2.26 -6.52
CA ALA A 285 -17.99 3.06 -5.32
C ALA A 285 -16.74 2.53 -4.60
N SER A 286 -16.15 3.31 -3.72
CA SER A 286 -14.95 2.84 -3.02
C SER A 286 -14.74 3.53 -1.68
N PHE A 287 -13.84 2.95 -0.87
CA PHE A 287 -13.37 3.59 0.35
C PHE A 287 -11.89 3.85 0.15
N ILE A 288 -11.32 4.83 0.84
CA ILE A 288 -9.90 5.10 0.65
C ILE A 288 -9.33 5.85 1.84
N ASP A 289 -8.13 5.45 2.26
CA ASP A 289 -7.41 6.05 3.39
C ASP A 289 -8.13 5.82 4.71
N SER A 290 -7.65 4.87 5.50
CA SER A 290 -8.29 4.57 6.78
C SER A 290 -7.41 5.05 7.92
N SER A 291 -8.01 5.21 9.10
CA SER A 291 -7.28 5.61 10.30
C SER A 291 -7.95 4.96 11.50
N ILE A 292 -7.16 4.53 12.48
CA ILE A 292 -7.74 3.83 13.63
C ILE A 292 -7.36 4.45 14.99
N VAL A 293 -8.24 4.28 15.97
CA VAL A 293 -7.96 4.69 17.35
C VAL A 293 -8.74 3.81 18.30
N GLU A 294 -8.24 3.68 19.54
CA GLU A 294 -8.98 2.95 20.56
C GLU A 294 -9.46 3.91 21.64
N ASP A 295 -10.73 3.75 22.04
CA ASP A 295 -11.30 4.62 23.07
C ASP A 295 -11.25 3.91 24.42
N LYS A 296 -10.51 4.49 25.36
CA LYS A 296 -10.31 3.89 26.68
C LYS A 296 -11.61 3.72 27.44
N LYS A 297 -12.46 4.74 27.32
CA LYS A 297 -13.71 4.80 28.08
C LYS A 297 -14.65 3.64 27.74
N SER A 298 -15.07 3.58 26.47
CA SER A 298 -16.02 2.56 26.03
C SER A 298 -15.34 1.23 25.72
N GLY A 299 -14.03 1.26 25.47
CA GLY A 299 -13.30 0.08 25.05
C GLY A 299 -13.39 -0.24 23.56
N LYS A 300 -14.18 0.56 22.84
CA LYS A 300 -14.40 0.33 21.42
C LYS A 300 -13.20 0.74 20.57
N THR A 301 -13.07 0.11 19.41
CA THR A 301 -12.08 0.53 18.43
C THR A 301 -12.86 1.32 17.39
N ILE A 302 -12.32 2.45 16.96
CA ILE A 302 -12.98 3.29 15.98
C ILE A 302 -12.12 3.38 14.73
N LEU A 303 -12.73 3.19 13.57
CA LEU A 303 -12.03 3.27 12.29
C LEU A 303 -12.78 4.26 11.41
N LEU A 304 -12.04 5.22 10.87
CA LEU A 304 -12.58 6.17 9.89
C LEU A 304 -11.93 5.92 8.55
N ALA A 305 -12.61 6.31 7.47
CA ALA A 305 -12.04 6.26 6.12
C ALA A 305 -12.82 7.19 5.20
N ASP A 306 -12.21 7.61 4.10
CA ASP A 306 -12.95 8.38 3.10
C ASP A 306 -13.88 7.44 2.34
N VAL A 307 -15.02 7.96 1.90
CA VAL A 307 -15.98 7.20 1.11
C VAL A 307 -16.22 7.93 -0.21
N MET A 308 -16.13 7.19 -1.30
CA MET A 308 -16.37 7.76 -2.63
C MET A 308 -17.55 7.06 -3.32
N PRO A 309 -18.53 7.84 -3.77
CA PRO A 309 -19.63 7.24 -4.55
C PRO A 309 -19.10 6.72 -5.88
N ALA A 310 -19.93 5.98 -6.60
CA ALA A 310 -19.56 5.33 -7.85
C ALA A 310 -18.88 6.28 -8.82
N GLY A 311 -17.70 5.90 -9.28
CA GLY A 311 -16.99 6.67 -10.29
C GLY A 311 -16.32 7.94 -9.79
N ILE A 312 -16.28 8.13 -8.47
CA ILE A 312 -15.74 9.36 -7.89
C ILE A 312 -14.42 9.13 -7.17
N GLY A 313 -13.53 10.12 -7.24
CA GLY A 313 -12.28 10.14 -6.51
C GLY A 313 -11.90 11.58 -6.24
N ASN A 314 -10.72 11.80 -5.67
CA ASN A 314 -10.22 13.16 -5.42
C ASN A 314 -10.33 14.04 -6.68
N ASN A 315 -9.90 13.47 -7.81
CA ASN A 315 -9.86 14.12 -9.11
C ASN A 315 -11.16 14.83 -9.53
N ASN A 316 -12.30 14.16 -9.34
CA ASN A 316 -13.54 14.67 -9.90
C ASN A 316 -14.66 14.89 -8.88
N ALA A 317 -14.32 14.83 -7.60
CA ALA A 317 -15.30 15.08 -6.54
C ALA A 317 -15.72 16.55 -6.55
N ASN A 318 -17.00 16.81 -6.35
CA ASN A 318 -17.51 18.18 -6.31
C ASN A 318 -16.94 18.89 -5.09
N LYS A 319 -16.05 19.86 -5.32
CA LYS A 319 -15.39 20.53 -4.20
C LYS A 319 -16.29 21.54 -3.51
N ALA A 320 -17.39 21.90 -4.16
CA ALA A 320 -18.27 22.96 -3.66
C ALA A 320 -19.54 22.43 -3.01
N ASP A 321 -19.56 21.14 -2.67
CA ASP A 321 -20.78 20.53 -2.15
C ASP A 321 -20.44 19.49 -1.11
N SER A 322 -20.99 19.66 0.10
CA SER A 322 -20.79 18.69 1.19
C SER A 322 -21.61 17.42 0.98
N GLY A 323 -22.62 17.50 0.12
CA GLY A 323 -23.55 16.40 -0.05
C GLY A 323 -24.67 16.40 0.99
N PHE A 324 -24.64 17.39 1.89
CA PHE A 324 -25.67 17.50 2.93
C PHE A 324 -26.45 18.80 2.80
N LYS A 325 -27.70 18.79 3.26
CA LYS A 325 -28.52 19.99 3.30
C LYS A 325 -28.74 20.37 4.75
N GLU A 326 -28.55 21.65 5.09
CA GLU A 326 -28.90 22.11 6.43
C GLU A 326 -30.37 22.48 6.49
N ILE A 327 -31.09 21.89 7.44
CA ILE A 327 -32.47 22.27 7.69
C ILE A 327 -32.68 22.41 9.18
N ASN A 328 -32.77 23.66 9.65
CA ASN A 328 -32.99 23.98 11.06
C ASN A 328 -31.84 23.61 12.01
N GLY A 329 -30.61 23.78 11.55
CA GLY A 329 -29.44 23.52 12.38
C GLY A 329 -28.92 22.10 12.32
N HIS A 330 -29.55 21.28 11.48
CA HIS A 330 -29.17 19.88 11.35
C HIS A 330 -28.75 19.54 9.92
N TYR A 331 -28.01 18.46 9.76
CA TYR A 331 -27.51 18.07 8.45
C TYR A 331 -28.09 16.75 7.93
N TYR A 332 -28.67 16.80 6.73
CA TYR A 332 -29.30 15.63 6.12
C TYR A 332 -28.70 15.30 4.75
N LEU A 333 -28.39 14.03 4.55
CA LEU A 333 -27.79 13.57 3.31
C LEU A 333 -28.75 13.78 2.17
N LYS A 334 -28.28 14.48 1.13
CA LYS A 334 -29.12 14.74 -0.04
C LYS A 334 -29.13 13.56 -1.01
N LEU A 335 -30.24 13.39 -1.72
CA LEU A 335 -30.39 12.31 -2.70
C LEU A 335 -30.99 12.81 -4.01
N LYS A 336 -30.58 12.20 -5.13
CA LYS A 336 -31.18 12.47 -6.43
C LYS A 336 -31.85 11.19 -6.95
N LYS A 337 -33.10 11.30 -7.39
CA LYS A 337 -33.84 10.15 -7.92
C LYS A 337 -33.66 10.01 -9.43
N ASN A 338 -33.68 8.76 -9.90
CA ASN A 338 -33.59 8.43 -11.32
C ASN A 338 -34.55 9.28 -12.15
N GLY A 339 -33.98 10.12 -13.02
CA GLY A 339 -34.78 10.98 -13.89
C GLY A 339 -34.70 12.46 -13.55
N ASP A 340 -34.50 12.77 -12.28
CA ASP A 340 -34.45 14.16 -11.86
C ASP A 340 -33.13 14.79 -12.28
N ASN A 341 -33.15 16.10 -12.46
CA ASN A 341 -31.92 16.84 -12.77
C ASN A 341 -31.36 17.56 -11.55
N ASP A 342 -32.10 17.54 -10.45
CA ASP A 342 -31.60 18.07 -9.18
C ASP A 342 -31.66 17.03 -8.09
N PHE A 343 -31.12 17.38 -6.93
CA PHE A 343 -31.31 16.59 -5.74
C PHE A 343 -32.54 17.10 -5.02
N ARG A 344 -33.66 16.41 -5.19
CA ARG A 344 -34.92 16.87 -4.62
C ARG A 344 -35.27 16.10 -3.34
N TYR A 345 -34.33 15.31 -2.84
CA TYR A 345 -34.61 14.47 -1.67
C TYR A 345 -33.55 14.60 -0.57
N THR A 346 -33.95 14.25 0.65
CA THR A 346 -33.03 14.14 1.78
C THR A 346 -33.32 12.87 2.57
N VAL A 347 -32.34 12.41 3.34
CA VAL A 347 -32.52 11.29 4.26
C VAL A 347 -32.65 11.89 5.67
N ARG A 348 -33.77 11.65 6.33
CA ARG A 348 -33.98 12.20 7.67
C ARG A 348 -33.89 11.14 8.73
N GLU A 349 -34.39 11.47 9.92
CA GLU A 349 -34.36 10.53 11.04
C GLU A 349 -35.06 9.21 10.70
N ASN A 350 -34.50 8.13 11.23
CA ASN A 350 -34.96 6.76 10.98
C ASN A 350 -34.85 6.37 9.51
N GLY A 351 -34.07 7.16 8.76
CA GLY A 351 -33.76 6.83 7.39
C GLY A 351 -34.85 7.15 6.39
N VAL A 352 -35.87 7.88 6.83
CA VAL A 352 -36.99 8.24 5.95
C VAL A 352 -36.58 9.17 4.81
N VAL A 353 -36.77 8.72 3.58
CA VAL A 353 -36.45 9.55 2.42
C VAL A 353 -37.53 10.60 2.24
N TYR A 354 -37.13 11.87 2.26
CA TYR A 354 -38.05 12.99 2.21
C TYR A 354 -37.97 13.71 0.88
N ASN A 355 -39.12 14.18 0.41
CA ASN A 355 -39.19 14.96 -0.82
C ASN A 355 -39.10 16.45 -0.47
N GLU A 356 -38.05 17.12 -0.95
CA GLU A 356 -37.79 18.51 -0.59
C GLU A 356 -38.69 19.50 -1.34
N THR A 357 -39.21 19.09 -2.48
CA THR A 357 -40.11 19.93 -3.27
C THR A 357 -41.50 19.98 -2.65
N THR A 358 -41.97 18.83 -2.16
CA THR A 358 -43.32 18.71 -1.60
C THR A 358 -43.32 18.72 -0.08
N ASN A 359 -42.14 18.61 0.51
CA ASN A 359 -41.97 18.63 1.97
C ASN A 359 -42.63 17.48 2.73
N LYS A 360 -42.92 16.38 2.03
CA LYS A 360 -43.50 15.20 2.67
C LYS A 360 -42.62 13.97 2.49
N PRO A 361 -42.75 12.99 3.40
CA PRO A 361 -41.96 11.76 3.21
C PRO A 361 -42.46 10.92 2.04
N THR A 362 -41.63 9.94 1.66
CA THR A 362 -41.93 9.05 0.55
C THR A 362 -42.15 7.67 1.12
N ASN A 363 -42.36 6.69 0.26
CA ASN A 363 -42.45 5.31 0.73
C ASN A 363 -41.06 4.64 0.75
N TYR A 364 -40.02 5.45 0.59
CA TYR A 364 -38.65 4.94 0.61
C TYR A 364 -37.95 5.22 1.93
N THR A 365 -37.15 4.28 2.38
CA THR A 365 -36.29 4.47 3.55
C THR A 365 -34.88 4.00 3.22
N ILE A 366 -33.90 4.56 3.91
CA ILE A 366 -32.52 4.12 3.81
C ILE A 366 -32.18 3.35 5.09
N ASN A 367 -31.74 2.09 4.96
CA ASN A 367 -31.40 1.34 6.18
C ASN A 367 -30.00 1.67 6.71
N ASP A 368 -29.53 0.85 7.65
CA ASP A 368 -28.27 1.12 8.35
C ASP A 368 -27.04 0.80 7.47
N LYS A 369 -27.27 0.15 6.34
CA LYS A 369 -26.19 -0.13 5.40
C LYS A 369 -26.28 0.79 4.18
N TYR A 370 -27.01 1.89 4.32
CA TYR A 370 -27.24 2.86 3.24
C TYR A 370 -27.88 2.22 2.02
N GLU A 371 -28.70 1.21 2.27
CA GLU A 371 -29.42 0.52 1.22
C GLU A 371 -30.85 1.05 1.11
N VAL A 372 -31.39 1.01 -0.11
CA VAL A 372 -32.72 1.56 -0.40
C VAL A 372 -33.82 0.53 -0.16
N LEU A 373 -34.80 0.90 0.66
CA LEU A 373 -35.98 0.06 0.88
C LEU A 373 -37.18 0.78 0.29
N GLU A 374 -38.11 0.02 -0.30
CA GLU A 374 -39.39 0.63 -0.70
C GLU A 374 -40.52 -0.07 0.01
N GLY A 375 -41.22 0.66 0.87
CA GLY A 375 -42.28 0.08 1.70
C GLY A 375 -41.74 -1.04 2.55
N GLY A 376 -40.50 -0.89 2.99
CA GLY A 376 -39.87 -1.89 3.85
C GLY A 376 -39.22 -3.04 3.10
N LYS A 377 -39.38 -3.07 1.78
CA LYS A 377 -38.78 -4.14 0.97
C LYS A 377 -37.45 -3.72 0.33
N SER A 378 -36.45 -4.59 0.42
CA SER A 378 -35.12 -4.36 -0.15
C SER A 378 -35.12 -4.28 -1.67
N LEU A 379 -34.70 -3.14 -2.21
CA LEU A 379 -34.46 -3.07 -3.65
C LEU A 379 -33.06 -3.58 -3.96
N THR A 380 -32.83 -4.02 -5.20
CA THR A 380 -31.54 -4.57 -5.60
C THR A 380 -31.03 -3.94 -6.89
N VAL A 381 -29.73 -4.06 -7.13
CA VAL A 381 -29.14 -3.70 -8.41
C VAL A 381 -28.34 -4.89 -8.89
N GLU A 382 -27.99 -4.93 -10.18
CA GLU A 382 -27.17 -6.00 -10.69
C GLU A 382 -25.70 -5.60 -10.56
N GLN A 383 -24.88 -6.55 -10.12
CA GLN A 383 -23.48 -6.30 -9.82
C GLN A 383 -22.67 -6.25 -11.11
N TYR A 384 -21.53 -5.55 -11.08
CA TYR A 384 -20.61 -5.51 -12.22
C TYR A 384 -19.37 -6.35 -11.93
N SER A 385 -18.78 -6.89 -12.99
CA SER A 385 -17.44 -7.49 -12.93
C SER A 385 -16.58 -6.81 -13.99
N VAL A 386 -15.26 -6.87 -13.84
CA VAL A 386 -14.37 -6.27 -14.82
C VAL A 386 -13.50 -7.33 -15.50
N ASP A 387 -13.08 -7.06 -16.73
CA ASP A 387 -12.17 -7.97 -17.42
C ASP A 387 -11.44 -7.23 -18.52
N PHE A 388 -10.32 -7.80 -18.98
CA PHE A 388 -9.59 -7.27 -20.13
C PHE A 388 -9.60 -8.25 -21.30
N ASP A 389 -10.62 -9.09 -21.39
CA ASP A 389 -10.70 -10.11 -22.43
C ASP A 389 -10.66 -9.50 -23.85
N SER A 390 -11.30 -8.35 -23.99
CA SER A 390 -11.40 -7.65 -25.27
C SER A 390 -10.11 -6.94 -25.65
N GLY A 391 -9.16 -6.85 -24.72
CA GLY A 391 -7.92 -6.14 -24.96
C GLY A 391 -7.93 -4.77 -24.29
N SER A 392 -9.06 -4.42 -23.70
CA SER A 392 -9.17 -3.18 -22.93
C SER A 392 -10.10 -3.43 -21.75
N LEU A 393 -10.16 -2.48 -20.82
CA LEU A 393 -10.99 -2.67 -19.63
C LEU A 393 -12.47 -2.62 -19.99
N ARG A 394 -13.20 -3.63 -19.56
CA ARG A 394 -14.64 -3.67 -19.69
C ARG A 394 -15.28 -3.82 -18.32
N GLU A 395 -16.33 -3.04 -18.04
CA GLU A 395 -17.08 -3.22 -16.81
C GLU A 395 -18.49 -3.59 -17.19
N ARG A 396 -18.95 -4.77 -16.78
CA ARG A 396 -20.25 -5.25 -17.24
C ARG A 396 -21.01 -6.08 -16.22
N HIS A 397 -22.33 -6.02 -16.33
CA HIS A 397 -23.21 -6.76 -15.43
C HIS A 397 -22.93 -8.26 -15.42
N ASN A 398 -22.95 -8.86 -14.24
CA ASN A 398 -22.55 -10.25 -14.10
C ASN A 398 -23.69 -11.22 -13.71
N GLY A 399 -24.93 -10.72 -13.68
CA GLY A 399 -26.08 -11.55 -13.39
C GLY A 399 -26.46 -11.67 -11.93
N LYS A 400 -25.61 -11.13 -11.07
CA LYS A 400 -25.84 -11.22 -9.63
C LYS A 400 -26.56 -9.99 -9.06
N GLN A 401 -27.63 -10.20 -8.29
CA GLN A 401 -28.33 -9.10 -7.63
C GLN A 401 -27.76 -8.86 -6.24
N VAL A 402 -27.53 -7.59 -5.90
CA VAL A 402 -27.05 -7.20 -4.58
C VAL A 402 -27.90 -6.04 -4.06
N PRO A 403 -27.92 -5.80 -2.75
CA PRO A 403 -28.74 -4.71 -2.21
C PRO A 403 -28.43 -3.35 -2.82
N MET A 404 -29.47 -2.60 -3.17
CA MET A 404 -29.31 -1.28 -3.78
C MET A 404 -28.81 -0.26 -2.76
N ASN A 405 -27.63 0.29 -2.99
CA ASN A 405 -26.99 1.22 -2.06
C ASN A 405 -26.91 2.59 -2.69
N VAL A 406 -27.16 3.64 -1.90
CA VAL A 406 -27.21 5.00 -2.45
C VAL A 406 -25.86 5.50 -2.97
N PHE A 407 -24.79 4.77 -2.69
CA PHE A 407 -23.47 5.15 -3.20
C PHE A 407 -23.20 4.50 -4.56
N TYR A 408 -24.16 3.73 -5.07
CA TYR A 408 -23.96 2.95 -6.30
C TYR A 408 -24.37 3.70 -7.58
N LYS A 409 -23.77 3.31 -8.70
CA LYS A 409 -24.13 3.88 -9.99
C LYS A 409 -25.56 3.53 -10.42
N ASP A 410 -26.00 2.32 -10.10
CA ASP A 410 -27.28 1.81 -10.62
C ASP A 410 -28.44 2.09 -9.67
N SER A 411 -28.18 2.80 -8.57
CA SER A 411 -29.23 3.03 -7.57
C SER A 411 -30.32 4.00 -8.04
N LEU A 412 -31.54 3.75 -7.57
CA LEU A 412 -32.68 4.64 -7.81
C LEU A 412 -32.45 6.01 -7.17
N PHE A 413 -31.89 6.02 -5.96
CA PHE A 413 -31.51 7.27 -5.28
C PHE A 413 -29.98 7.30 -5.12
N LYS A 414 -29.38 8.44 -5.51
CA LYS A 414 -27.93 8.57 -5.54
C LYS A 414 -27.45 9.76 -4.71
N VAL A 415 -26.32 9.60 -4.01
CA VAL A 415 -25.78 10.71 -3.23
C VAL A 415 -25.05 11.68 -4.13
N THR A 416 -24.73 12.85 -3.59
CA THR A 416 -23.95 13.85 -4.30
C THR A 416 -22.58 13.27 -4.64
N PRO A 417 -22.13 13.45 -5.91
CA PRO A 417 -20.83 12.90 -6.30
C PRO A 417 -19.67 13.72 -5.72
N THR A 418 -19.39 13.50 -4.45
CA THR A 418 -18.29 14.17 -3.76
C THR A 418 -17.74 13.19 -2.73
N ASN A 419 -16.72 13.59 -1.97
CA ASN A 419 -16.10 12.71 -0.98
C ASN A 419 -16.66 12.91 0.43
N TYR A 420 -16.74 11.82 1.19
CA TYR A 420 -17.30 11.86 2.55
C TYR A 420 -16.33 11.19 3.50
N ILE A 421 -16.54 11.37 4.81
CA ILE A 421 -15.83 10.56 5.81
C ILE A 421 -16.87 9.68 6.49
N ALA A 422 -16.55 8.41 6.66
CA ALA A 422 -17.40 7.49 7.41
C ALA A 422 -16.64 6.98 8.62
N MET A 423 -17.36 6.51 9.63
CA MET A 423 -16.74 5.81 10.75
C MET A 423 -17.45 4.49 10.99
N THR A 424 -16.70 3.49 11.44
CA THR A 424 -17.29 2.26 11.95
C THR A 424 -16.64 1.98 13.29
N THR A 425 -17.22 1.06 14.05
CA THR A 425 -16.65 0.71 15.35
C THR A 425 -16.63 -0.81 15.51
N SER A 426 -15.74 -1.28 16.36
CA SER A 426 -15.71 -2.68 16.74
C SER A 426 -15.78 -2.80 18.25
N GLN A 427 -16.61 -3.73 18.73
CA GLN A 427 -16.73 -4.00 20.17
C GLN A 427 -15.93 -5.23 20.57
N ASN A 428 -15.25 -5.83 19.61
CA ASN A 428 -14.46 -7.02 19.90
C ASN A 428 -13.05 -6.90 19.33
N ARG A 429 -12.50 -5.70 19.36
CA ARG A 429 -11.13 -5.45 18.93
C ARG A 429 -10.82 -6.00 17.54
N GLY A 430 -11.72 -5.75 16.59
CA GLY A 430 -11.44 -6.05 15.19
C GLY A 430 -11.83 -7.45 14.70
N GLU A 431 -12.56 -8.19 15.51
CA GLU A 431 -13.11 -9.48 15.05
C GLU A 431 -14.34 -9.27 14.17
N SER A 432 -15.05 -8.16 14.40
CA SER A 432 -16.14 -7.76 13.50
C SER A 432 -16.28 -6.24 13.56
N TRP A 433 -16.82 -5.67 12.49
CA TRP A 433 -17.04 -4.23 12.45
C TRP A 433 -18.51 -3.92 12.20
N GLU A 434 -18.99 -2.82 12.78
CA GLU A 434 -20.37 -2.42 12.56
C GLU A 434 -20.52 -1.85 11.16
N GLN A 435 -21.76 -1.60 10.75
CA GLN A 435 -22.01 -0.87 9.51
C GLN A 435 -21.56 0.58 9.69
N PHE A 436 -20.97 1.16 8.64
CA PHE A 436 -20.41 2.50 8.76
C PHE A 436 -21.47 3.59 8.83
N LYS A 437 -21.15 4.70 9.49
CA LYS A 437 -22.03 5.89 9.47
C LYS A 437 -21.26 7.05 8.89
N LEU A 438 -21.94 7.90 8.11
CA LEU A 438 -21.30 9.10 7.58
C LEU A 438 -21.13 10.12 8.69
N LEU A 439 -19.96 10.76 8.74
CA LEU A 439 -19.77 11.91 9.63
C LEU A 439 -20.48 13.11 9.01
N PRO A 440 -20.91 14.06 9.85
CA PRO A 440 -21.53 15.27 9.30
C PRO A 440 -20.48 16.16 8.64
N PRO A 441 -20.92 17.16 7.87
CA PRO A 441 -19.98 18.12 7.31
C PRO A 441 -19.46 19.05 8.41
N PHE A 442 -18.21 19.49 8.30
CA PHE A 442 -17.61 20.33 9.32
C PHE A 442 -17.34 21.76 8.82
N LEU A 443 -17.30 21.94 7.51
CA LEU A 443 -16.93 23.22 6.93
C LEU A 443 -18.06 23.84 6.12
N GLY A 444 -19.30 23.53 6.49
CA GLY A 444 -20.46 24.13 5.84
C GLY A 444 -21.06 23.34 4.70
N GLU A 445 -22.23 23.78 4.27
CA GLU A 445 -23.03 23.11 3.24
C GLU A 445 -22.28 22.98 1.92
N LYS A 446 -21.50 23.99 1.58
CA LYS A 446 -20.92 24.09 0.25
C LYS A 446 -19.41 23.86 0.22
N HIS A 447 -18.95 22.90 1.01
CA HIS A 447 -17.55 22.51 1.05
C HIS A 447 -17.50 20.99 1.07
N ASN A 448 -16.72 20.38 0.18
CA ASN A 448 -16.62 18.91 0.17
C ASN A 448 -16.00 18.43 1.48
N GLY A 449 -16.08 17.13 1.76
CA GLY A 449 -15.54 16.61 3.00
C GLY A 449 -14.05 16.88 3.08
N THR A 450 -13.52 16.95 4.29
CA THR A 450 -12.07 17.01 4.43
C THR A 450 -11.52 15.62 4.14
N TYR A 451 -10.21 15.51 3.98
CA TYR A 451 -9.58 14.25 3.65
C TYR A 451 -8.93 13.65 4.87
N LEU A 452 -9.31 12.41 5.21
CA LEU A 452 -8.72 11.74 6.36
C LEU A 452 -7.23 11.56 6.20
N CYS A 453 -6.50 11.79 7.29
CA CYS A 453 -5.07 11.48 7.34
C CYS A 453 -4.94 10.03 7.72
N PRO A 454 -4.35 9.21 6.82
CA PRO A 454 -4.27 7.78 7.13
C PRO A 454 -3.29 7.48 8.24
N GLY A 455 -3.57 6.41 8.98
CA GLY A 455 -2.71 5.99 10.07
C GLY A 455 -3.49 5.82 11.36
N GLN A 456 -3.10 6.60 12.37
CA GLN A 456 -3.72 6.52 13.68
C GLN A 456 -4.45 7.80 14.02
N GLY A 457 -5.53 7.68 14.77
CA GLY A 457 -6.08 8.81 15.48
C GLY A 457 -5.31 8.86 16.78
N LEU A 458 -5.61 9.85 17.62
CA LEU A 458 -4.91 9.99 18.90
C LEU A 458 -5.89 9.90 20.04
N ALA A 459 -5.62 9.01 20.98
CA ALA A 459 -6.39 8.92 22.22
C ALA A 459 -5.57 9.63 23.29
N LEU A 460 -6.05 10.78 23.78
CA LEU A 460 -5.31 11.50 24.80
C LEU A 460 -5.22 10.67 26.08
N GLY A 461 -4.06 10.69 26.72
CA GLY A 461 -3.82 9.83 27.87
C GLY A 461 -4.53 10.23 29.15
N SER A 462 -4.78 11.51 29.32
CA SER A 462 -5.32 12.01 30.58
C SER A 462 -6.79 12.38 30.50
N SER A 463 -7.41 12.11 29.35
CA SER A 463 -8.85 12.30 29.21
C SER A 463 -9.46 11.19 28.34
N ASN A 464 -10.71 11.38 27.96
CA ASN A 464 -11.34 10.52 26.97
C ASN A 464 -11.40 11.18 25.60
N ARG A 465 -10.63 12.25 25.41
CA ARG A 465 -10.64 12.92 24.10
C ARG A 465 -10.03 12.06 23.01
N LEU A 466 -10.70 12.01 21.87
CA LEU A 466 -10.24 11.31 20.67
C LEU A 466 -10.08 12.33 19.55
N ILE A 467 -8.95 12.27 18.85
CA ILE A 467 -8.73 13.20 17.75
C ILE A 467 -8.31 12.43 16.50
N PHE A 468 -8.94 12.76 15.37
CA PHE A 468 -8.50 12.29 14.05
C PHE A 468 -8.14 13.52 13.23
N ALA A 469 -6.92 13.55 12.69
CA ALA A 469 -6.49 14.64 11.84
C ALA A 469 -7.07 14.46 10.45
N THR A 470 -7.47 15.57 9.83
CA THR A 470 -7.87 15.55 8.43
C THR A 470 -7.26 16.79 7.78
N TYR A 471 -7.35 16.88 6.46
CA TYR A 471 -6.80 18.07 5.79
C TYR A 471 -7.71 18.53 4.66
N THR A 472 -7.54 19.79 4.27
CA THR A 472 -8.24 20.30 3.11
C THR A 472 -7.45 21.52 2.66
N SER A 473 -8.00 22.31 1.74
CA SER A 473 -7.28 23.49 1.27
CA SER A 473 -7.32 23.50 1.27
C SER A 473 -7.07 24.47 2.40
N GLY A 474 -5.81 24.85 2.60
CA GLY A 474 -5.45 25.88 3.57
C GLY A 474 -5.42 25.52 5.05
N GLU A 475 -5.73 24.28 5.43
CA GLU A 475 -5.73 23.95 6.86
C GLU A 475 -5.63 22.46 7.17
N LEU A 476 -5.27 22.17 8.42
CA LEU A 476 -5.53 20.87 8.98
C LEU A 476 -6.85 21.03 9.73
N THR A 477 -7.73 20.03 9.62
CA THR A 477 -9.00 20.08 10.30
C THR A 477 -9.06 18.89 11.24
N TYR A 478 -8.78 19.13 12.51
CA TYR A 478 -8.80 18.06 13.48
C TYR A 478 -10.23 17.76 13.90
N LEU A 479 -10.58 16.48 13.91
CA LEU A 479 -11.91 16.05 14.33
C LEU A 479 -11.80 15.55 15.75
N ILE A 480 -12.57 16.15 16.65
CA ILE A 480 -12.46 15.88 18.08
C ILE A 480 -13.74 15.31 18.67
N SER A 481 -13.61 14.22 19.43
CA SER A 481 -14.76 13.66 20.15
C SER A 481 -14.42 13.43 21.62
N ASP A 482 -15.33 13.81 22.51
CA ASP A 482 -15.16 13.55 23.94
C ASP A 482 -16.19 12.53 24.43
N ASP A 483 -16.99 11.98 23.53
CA ASP A 483 -18.00 11.02 23.92
C ASP A 483 -17.93 9.72 23.12
N SER A 484 -16.73 9.18 22.99
CA SER A 484 -16.53 7.87 22.36
C SER A 484 -16.97 7.85 20.90
N GLY A 485 -16.81 8.99 20.21
CA GLY A 485 -17.10 9.04 18.79
C GLY A 485 -18.57 9.20 18.43
N GLN A 486 -19.41 9.50 19.42
CA GLN A 486 -20.83 9.71 19.14
C GLN A 486 -21.07 11.07 18.48
N THR A 487 -20.34 12.08 18.93
CA THR A 487 -20.42 13.41 18.29
C THR A 487 -19.02 13.96 18.09
N TRP A 488 -18.85 14.77 17.04
CA TRP A 488 -17.55 15.32 16.68
C TRP A 488 -17.66 16.82 16.48
N LYS A 489 -16.55 17.52 16.75
CA LYS A 489 -16.43 18.93 16.38
C LYS A 489 -15.10 19.10 15.67
N LYS A 490 -14.94 20.19 14.93
CA LYS A 490 -13.68 20.43 14.26
C LYS A 490 -12.86 21.42 15.05
N SER A 491 -11.55 21.31 14.90
CA SER A 491 -10.65 22.38 15.30
C SER A 491 -9.75 22.64 14.10
N SER A 492 -9.86 23.84 13.53
CA SER A 492 -9.10 24.22 12.35
C SER A 492 -7.75 24.84 12.70
N ALA A 493 -6.72 24.46 11.95
CA ALA A 493 -5.38 25.01 12.09
C ALA A 493 -4.83 25.39 10.73
N SER A 494 -4.70 26.69 10.49
CA SER A 494 -4.20 27.19 9.21
C SER A 494 -2.80 26.70 8.90
N ILE A 495 -2.58 26.32 7.65
CA ILE A 495 -1.25 26.01 7.19
C ILE A 495 -0.97 26.86 5.95
N PRO A 496 0.31 27.25 5.74
CA PRO A 496 0.65 28.15 4.63
C PRO A 496 0.75 27.40 3.32
N PHE A 497 -0.27 26.61 3.04
CA PHE A 497 -0.31 25.83 1.81
C PHE A 497 -1.73 25.86 1.28
N LYS A 498 -1.87 26.30 0.03
CA LYS A 498 -3.14 26.12 -0.64
C LYS A 498 -3.07 24.79 -1.36
N ASN A 499 -4.14 24.01 -1.22
CA ASN A 499 -4.28 22.72 -1.90
CA ASN A 499 -4.28 22.72 -1.90
C ASN A 499 -3.10 21.76 -1.74
N ALA A 500 -2.71 21.50 -0.50
CA ALA A 500 -1.65 20.53 -0.25
C ALA A 500 -2.24 19.20 0.21
N THR A 501 -1.50 18.11 -0.02
CA THR A 501 -1.85 16.84 0.59
C THR A 501 -1.16 16.78 1.94
N ALA A 502 -1.73 17.47 2.93
CA ALA A 502 -1.06 17.64 4.22
C ALA A 502 -1.43 16.50 5.15
N GLU A 503 -1.05 15.29 4.76
CA GLU A 503 -1.25 14.11 5.58
C GLU A 503 -0.47 14.27 6.88
N ALA A 504 -1.17 14.15 8.01
CA ALA A 504 -0.65 14.54 9.31
C ALA A 504 -0.83 13.40 10.31
N GLN A 505 0.16 13.20 11.18
CA GLN A 505 0.03 12.24 12.28
C GLN A 505 0.48 12.88 13.58
N MET A 506 -0.12 12.44 14.69
CA MET A 506 0.04 13.11 15.97
C MET A 506 0.71 12.23 17.02
N VAL A 507 1.43 12.86 17.95
CA VAL A 507 1.92 12.19 19.15
C VAL A 507 1.62 13.07 20.35
N GLU A 508 1.34 12.48 21.51
CA GLU A 508 1.22 13.29 22.71
C GLU A 508 2.58 13.33 23.39
N LEU A 509 3.26 14.47 23.31
CA LEU A 509 4.58 14.63 23.92
C LEU A 509 4.50 14.49 25.43
N ARG A 510 3.53 15.16 26.01
CA ARG A 510 3.21 15.05 27.42
C ARG A 510 1.76 15.44 27.57
N ASP A 511 1.24 15.28 28.77
CA ASP A 511 -0.15 15.56 29.09
C ASP A 511 -0.67 16.86 28.46
N GLY A 512 -1.63 16.73 27.56
CA GLY A 512 -2.25 17.88 26.90
C GLY A 512 -1.46 18.51 25.77
N VAL A 513 -0.21 18.08 25.57
CA VAL A 513 0.65 18.65 24.54
C VAL A 513 0.73 17.70 23.36
N ILE A 514 0.24 18.16 22.22
CA ILE A 514 0.20 17.35 21.01
C ILE A 514 1.11 17.93 19.95
N ARG A 515 2.01 17.11 19.39
CA ARG A 515 2.73 17.57 18.21
C ARG A 515 2.27 16.79 17.01
N THR A 516 1.97 17.52 15.94
CA THR A 516 1.51 16.92 14.71
C THR A 516 2.60 17.06 13.68
N PHE A 517 2.95 15.95 13.03
CA PHE A 517 3.94 15.98 11.96
C PHE A 517 3.20 15.82 10.64
N PHE A 518 3.51 16.66 9.65
CA PHE A 518 2.79 16.57 8.40
C PHE A 518 3.58 16.83 7.12
N ARG A 519 3.06 16.21 6.05
CA ARG A 519 3.64 16.27 4.71
C ARG A 519 3.35 17.64 4.12
N THR A 520 4.31 18.20 3.38
CA THR A 520 4.13 19.50 2.77
C THR A 520 4.53 19.45 1.29
N THR A 521 4.74 20.62 0.70
CA THR A 521 5.23 20.71 -0.68
C THR A 521 6.58 21.41 -0.72
N THR A 522 7.26 21.48 0.43
CA THR A 522 8.51 22.25 0.55
C THR A 522 9.75 21.37 0.53
N GLY A 523 9.55 20.06 0.58
CA GLY A 523 10.67 19.14 0.67
C GLY A 523 11.05 18.85 2.11
N LYS A 524 10.35 19.47 3.05
CA LYS A 524 10.60 19.19 4.45
C LYS A 524 9.31 18.81 5.15
N ILE A 525 9.42 17.93 6.14
CA ILE A 525 8.27 17.58 6.98
C ILE A 525 8.01 18.75 7.91
N ALA A 526 6.74 19.09 8.12
CA ALA A 526 6.41 20.22 8.98
C ALA A 526 5.84 19.71 10.30
N TYR A 527 5.68 20.61 11.26
CA TYR A 527 4.98 20.25 12.49
C TYR A 527 4.30 21.46 13.09
N MET A 528 3.35 21.20 13.98
CA MET A 528 2.69 22.24 14.77
C MET A 528 2.36 21.61 16.13
N THR A 529 2.04 22.44 17.11
CA THR A 529 1.84 21.95 18.48
C THR A 529 0.58 22.55 19.09
N SER A 530 -0.14 21.72 19.86
CA SER A 530 -1.24 22.19 20.68
C SER A 530 -0.88 21.93 22.15
N ARG A 531 -1.21 22.87 23.04
CA ARG A 531 -0.96 22.67 24.46
C ARG A 531 -2.24 22.68 25.25
N ASP A 532 -3.37 22.59 24.54
CA ASP A 532 -4.67 22.58 25.19
C ASP A 532 -5.51 21.45 24.62
N SER A 533 -4.86 20.30 24.43
CA SER A 533 -5.53 19.08 23.97
C SER A 533 -6.27 19.24 22.64
N GLY A 534 -5.70 20.01 21.72
CA GLY A 534 -6.27 20.16 20.39
C GLY A 534 -7.21 21.32 20.13
N GLU A 535 -7.47 22.14 21.14
CA GLU A 535 -8.33 23.32 20.95
C GLU A 535 -7.69 24.37 20.07
N THR A 536 -6.42 24.70 20.35
CA THR A 536 -5.69 25.69 19.56
C THR A 536 -4.37 25.13 19.09
N TRP A 537 -3.84 25.69 18.01
CA TRP A 537 -2.64 25.18 17.37
C TRP A 537 -1.60 26.25 17.07
N SER A 538 -0.33 25.90 17.17
CA SER A 538 0.75 26.85 16.95
C SER A 538 0.95 27.12 15.47
N LYS A 539 1.87 28.04 15.16
CA LYS A 539 2.31 28.24 13.79
C LYS A 539 3.11 27.02 13.35
N VAL A 540 3.43 26.95 12.07
CA VAL A 540 4.08 25.77 11.49
C VAL A 540 5.59 25.90 11.47
N SER A 541 6.29 24.88 11.98
CA SER A 541 7.75 24.83 11.86
C SER A 541 8.13 23.67 10.94
N TYR A 542 9.41 23.55 10.64
CA TYR A 542 9.89 22.52 9.73
C TYR A 542 11.07 21.76 10.30
N ILE A 543 11.14 20.47 10.00
CA ILE A 543 12.27 19.64 10.40
C ILE A 543 13.41 19.72 9.36
N ASP A 544 14.59 20.16 9.78
CA ASP A 544 15.77 20.04 8.93
C ASP A 544 16.38 18.69 9.26
N GLY A 545 17.06 18.08 8.29
CA GLY A 545 17.71 16.81 8.57
C GLY A 545 17.00 15.62 7.96
N ILE A 546 15.76 15.83 7.52
CA ILE A 546 15.06 14.83 6.74
C ILE A 546 14.62 15.50 5.43
N GLN A 547 14.92 14.85 4.31
CA GLN A 547 14.48 15.35 3.00
C GLN A 547 13.27 14.58 2.48
N GLN A 548 12.31 15.29 1.91
CA GLN A 548 11.28 14.65 1.11
C GLN A 548 11.28 15.28 -0.27
N THR A 549 10.53 14.69 -1.18
CA THR A 549 10.39 15.22 -2.52
C THR A 549 9.49 16.43 -2.49
N SER A 550 9.45 17.16 -3.60
CA SER A 550 8.57 18.30 -3.75
C SER A 550 7.11 17.94 -3.47
N TYR A 551 6.71 16.73 -3.85
CA TYR A 551 5.31 16.35 -3.65
C TYR A 551 5.02 15.76 -2.26
N GLY A 552 6.06 15.23 -1.62
CA GLY A 552 5.94 14.78 -0.25
C GLY A 552 5.39 13.38 -0.10
N THR A 553 5.50 12.85 1.11
CA THR A 553 5.00 11.52 1.42
C THR A 553 4.47 11.51 2.85
N GLN A 554 3.42 10.71 3.07
CA GLN A 554 2.90 10.47 4.42
C GLN A 554 4.03 10.12 5.39
N VAL A 555 3.96 10.64 6.62
CA VAL A 555 4.93 10.34 7.68
C VAL A 555 4.16 9.72 8.85
N SER A 556 4.68 8.65 9.44
CA SER A 556 4.03 8.11 10.61
C SER A 556 4.91 8.40 11.81
N ALA A 557 4.32 8.39 13.00
CA ALA A 557 5.00 8.89 14.19
C ALA A 557 4.40 8.31 15.46
N ILE A 558 5.27 7.95 16.41
CA ILE A 558 4.79 7.53 17.71
C ILE A 558 5.66 8.13 18.82
N LYS A 559 5.07 8.21 20.01
CA LYS A 559 5.83 8.56 21.20
C LYS A 559 6.21 7.25 21.86
N TYR A 560 7.51 6.97 21.97
CA TYR A 560 7.99 5.72 22.55
C TYR A 560 7.77 5.76 24.06
N SER A 561 7.43 4.63 24.68
CA SER A 561 7.11 4.61 26.10
C SER A 561 8.35 4.64 26.98
N GLN A 562 9.50 4.26 26.43
CA GLN A 562 10.71 4.17 27.24
C GLN A 562 11.65 5.33 26.94
N LEU A 563 12.44 5.72 27.95
CA LEU A 563 13.46 6.75 27.76
C LEU A 563 14.57 6.22 26.88
N ILE A 564 15.14 7.10 26.05
CA ILE A 564 16.32 6.76 25.28
C ILE A 564 17.40 7.82 25.59
N ASP A 565 18.61 7.37 25.92
CA ASP A 565 19.68 8.28 26.38
C ASP A 565 19.18 9.21 27.49
N GLY A 566 18.32 8.68 28.35
CA GLY A 566 17.77 9.44 29.47
C GLY A 566 16.65 10.41 29.09
N LYS A 567 16.23 10.38 27.83
CA LYS A 567 15.25 11.35 27.36
C LYS A 567 13.98 10.71 26.80
N GLU A 568 12.89 11.49 26.79
CA GLU A 568 11.65 11.11 26.13
C GLU A 568 11.92 11.07 24.62
N ALA A 569 11.33 10.10 23.93
CA ALA A 569 11.67 9.90 22.51
C ALA A 569 10.43 9.80 21.62
N VAL A 570 10.56 10.34 20.40
CA VAL A 570 9.55 10.25 19.36
C VAL A 570 10.24 9.56 18.19
N ILE A 571 9.52 8.68 17.50
CA ILE A 571 10.08 7.99 16.35
C ILE A 571 9.23 8.31 15.13
N LEU A 572 9.88 8.80 14.06
CA LEU A 572 9.24 9.12 12.80
C LEU A 572 9.57 8.05 11.76
N SER A 573 8.61 7.74 10.90
CA SER A 573 8.84 6.83 9.77
C SER A 573 8.53 7.56 8.47
N THR A 574 9.50 7.61 7.57
CA THR A 574 9.35 8.36 6.33
C THR A 574 10.44 7.98 5.33
N PRO A 575 10.18 8.15 4.02
CA PRO A 575 11.33 8.10 3.13
C PRO A 575 12.22 9.31 3.43
N ASN A 576 13.53 9.17 3.20
CA ASN A 576 14.43 10.30 3.36
C ASN A 576 15.14 10.46 2.03
N SER A 577 14.57 11.31 1.18
CA SER A 577 15.03 11.44 -0.21
C SER A 577 14.40 12.65 -0.87
N ARG A 578 15.18 13.42 -1.61
CA ARG A 578 14.61 14.56 -2.32
C ARG A 578 14.24 14.18 -3.75
N SER A 579 14.47 12.92 -4.10
CA SER A 579 14.31 12.43 -5.46
C SER A 579 13.06 11.57 -5.70
N GLY A 580 12.78 10.63 -4.79
CA GLY A 580 11.65 9.74 -4.97
C GLY A 580 11.21 9.14 -3.64
N ARG A 581 10.27 8.20 -3.68
CA ARG A 581 9.84 7.56 -2.44
C ARG A 581 10.70 6.35 -2.23
N LYS A 582 11.85 6.58 -1.58
CA LYS A 582 12.87 5.55 -1.39
C LYS A 582 13.74 6.01 -0.23
N GLY A 583 14.68 5.17 0.20
CA GLY A 583 15.52 5.54 1.33
C GLY A 583 14.75 5.60 2.63
N GLY A 584 13.96 4.57 2.92
CA GLY A 584 13.14 4.57 4.12
C GLY A 584 13.95 4.63 5.39
N GLN A 585 13.51 5.45 6.35
CA GLN A 585 14.18 5.57 7.63
C GLN A 585 13.21 5.59 8.80
N LEU A 586 13.67 5.11 9.96
CA LEU A 586 13.05 5.48 11.22
C LEU A 586 14.00 6.51 11.82
N VAL A 587 13.47 7.64 12.24
CA VAL A 587 14.31 8.70 12.79
C VAL A 587 13.91 8.87 14.24
N VAL A 588 14.87 8.72 15.13
CA VAL A 588 14.58 8.81 16.56
C VAL A 588 14.91 10.21 17.06
N GLY A 589 13.95 10.87 17.69
CA GLY A 589 14.17 12.20 18.24
C GLY A 589 14.05 12.20 19.75
N LEU A 590 14.91 12.97 20.40
CA LEU A 590 14.85 13.13 21.85
C LEU A 590 14.28 14.49 22.23
N VAL A 591 13.32 14.49 23.15
CA VAL A 591 12.62 15.71 23.52
C VAL A 591 13.42 16.55 24.53
N ASN A 592 13.57 17.82 24.22
CA ASN A 592 14.14 18.80 25.15
C ASN A 592 13.03 19.29 26.07
N LYS A 593 13.07 18.90 27.33
CA LYS A 593 11.99 19.18 28.29
C LYS A 593 11.79 20.67 28.58
N GLU A 594 12.72 21.50 28.16
CA GLU A 594 12.67 22.92 28.48
C GLU A 594 11.80 23.70 27.51
N ASP A 595 11.75 23.25 26.26
CA ASP A 595 10.98 23.93 25.23
C ASP A 595 10.20 22.97 24.33
N ASP A 596 10.27 21.69 24.64
CA ASP A 596 9.60 20.63 23.85
C ASP A 596 10.10 20.56 22.40
N SER A 597 11.29 21.11 22.16
CA SER A 597 11.95 20.95 20.88
C SER A 597 12.47 19.52 20.79
N ILE A 598 12.68 19.04 19.57
CA ILE A 598 13.13 17.67 19.39
C ILE A 598 14.45 17.62 18.65
N ASP A 599 15.44 16.95 19.24
CA ASP A 599 16.71 16.75 18.56
C ASP A 599 16.76 15.37 17.89
N TRP A 600 16.71 15.39 16.56
CA TRP A 600 16.66 14.18 15.76
C TRP A 600 18.04 13.52 15.72
N LYS A 601 18.22 12.55 16.60
CA LYS A 601 19.54 12.04 16.94
C LYS A 601 20.00 10.78 16.20
N TYR A 602 19.08 9.87 15.94
CA TYR A 602 19.41 8.63 15.24
C TYR A 602 18.59 8.44 13.96
N HIS A 603 19.24 8.01 12.89
CA HIS A 603 18.56 7.67 11.64
C HIS A 603 18.84 6.20 11.36
N TYR A 604 17.79 5.38 11.29
CA TYR A 604 17.95 3.97 10.94
C TYR A 604 17.50 3.70 9.50
N GLY A 605 18.42 3.20 8.67
CA GLY A 605 18.12 2.83 7.29
C GLY A 605 17.30 1.54 7.26
N ILE A 606 16.05 1.62 6.83
CA ILE A 606 15.19 0.43 6.74
C ILE A 606 15.70 -0.56 5.68
N ASP A 607 16.17 -0.02 4.57
CA ASP A 607 16.83 -0.80 3.53
C ASP A 607 17.64 0.23 2.75
N LEU A 608 18.20 -0.16 1.61
CA LEU A 608 19.05 0.72 0.81
C LEU A 608 18.44 2.09 0.50
N PRO A 609 19.29 3.12 0.40
CA PRO A 609 18.80 4.44 -0.01
C PRO A 609 18.06 4.41 -1.35
N SER A 610 18.40 3.48 -2.22
CA SER A 610 17.81 3.46 -3.56
C SER A 610 16.56 2.57 -3.63
N TYR A 611 16.27 1.83 -2.57
CA TYR A 611 15.13 0.91 -2.58
C TYR A 611 13.88 1.61 -2.09
N GLY A 612 12.73 1.20 -2.63
CA GLY A 612 11.47 1.87 -2.41
C GLY A 612 10.92 1.87 -0.98
N TYR A 613 10.29 2.99 -0.62
CA TYR A 613 9.68 3.16 0.69
C TYR A 613 8.71 4.32 0.59
N ALA A 614 7.42 4.06 0.76
CA ALA A 614 6.42 5.11 0.61
C ALA A 614 5.60 5.33 1.90
N TYR A 615 4.31 5.10 1.84
CA TYR A 615 3.47 5.30 3.03
C TYR A 615 3.81 4.25 4.06
N SER A 616 3.61 4.55 5.34
CA SER A 616 4.08 3.65 6.38
C SER A 616 3.25 3.75 7.63
N ALA A 617 3.39 2.74 8.48
CA ALA A 617 2.67 2.66 9.74
C ALA A 617 3.66 2.16 10.76
N ILE A 618 3.69 2.76 11.94
CA ILE A 618 4.58 2.28 13.00
C ILE A 618 3.83 2.17 14.31
N THR A 619 4.21 1.20 15.12
CA THR A 619 3.58 1.06 16.43
C THR A 619 4.58 0.49 17.41
N GLU A 620 4.45 0.86 18.68
CA GLU A 620 5.22 0.22 19.73
C GLU A 620 4.46 -1.03 20.14
N LEU A 621 5.08 -2.18 19.93
CA LEU A 621 4.45 -3.44 20.24
C LEU A 621 4.42 -3.58 21.75
N PRO A 622 3.58 -4.47 22.28
CA PRO A 622 3.48 -4.62 23.74
C PRO A 622 4.80 -5.02 24.43
N ASN A 623 5.72 -5.62 23.69
CA ASN A 623 7.02 -6.01 24.25
C ASN A 623 8.08 -4.93 24.05
N HIS A 624 7.63 -3.74 23.66
CA HIS A 624 8.49 -2.59 23.38
C HIS A 624 9.34 -2.69 22.12
N HIS A 625 9.10 -3.70 21.28
CA HIS A 625 9.68 -3.71 19.95
C HIS A 625 8.90 -2.68 19.13
N ILE A 626 9.36 -2.41 17.91
CA ILE A 626 8.68 -1.49 17.01
C ILE A 626 8.20 -2.30 15.82
N GLY A 627 6.91 -2.25 15.51
CA GLY A 627 6.40 -2.89 14.30
C GLY A 627 6.24 -1.85 13.20
N VAL A 628 6.66 -2.19 11.98
CA VAL A 628 6.56 -1.27 10.86
C VAL A 628 5.88 -1.98 9.70
N LEU A 629 4.76 -1.42 9.24
CA LEU A 629 4.06 -1.93 8.06
C LEU A 629 4.14 -0.84 7.01
N PHE A 630 4.72 -1.15 5.86
CA PHE A 630 5.05 -0.08 4.90
C PHE A 630 4.97 -0.53 3.46
N GLU A 631 4.72 0.44 2.57
CA GLU A 631 4.77 0.19 1.14
C GLU A 631 6.22 0.13 0.69
N LYS A 632 6.72 -1.06 0.37
CA LYS A 632 8.11 -1.19 -0.07
C LYS A 632 8.22 -1.02 -1.59
N TYR A 633 7.86 0.17 -2.06
CA TYR A 633 8.01 0.52 -3.47
C TYR A 633 7.80 2.02 -3.61
N ASP A 634 8.15 2.56 -4.77
CA ASP A 634 7.90 3.98 -5.01
C ASP A 634 6.46 4.15 -5.48
N SER A 635 5.59 4.54 -4.57
CA SER A 635 4.16 4.62 -4.87
C SER A 635 3.80 5.89 -5.65
N TRP A 636 4.79 6.70 -5.95
CA TRP A 636 4.57 7.87 -6.82
C TRP A 636 4.94 7.55 -8.27
N SER A 637 6.04 6.81 -8.43
CA SER A 637 6.56 6.47 -9.75
C SER A 637 5.53 5.80 -10.65
N ARG A 638 5.44 6.29 -11.87
CA ARG A 638 4.52 5.71 -12.84
C ARG A 638 5.13 4.47 -13.49
N ASN A 639 6.34 4.09 -13.06
CA ASN A 639 6.92 2.84 -13.51
C ASN A 639 6.63 1.69 -12.54
N GLU A 640 6.13 2.04 -11.36
CA GLU A 640 5.94 1.04 -10.29
C GLU A 640 4.48 0.82 -9.91
N LEU A 641 3.58 1.10 -10.85
CA LEU A 641 2.16 0.86 -10.61
C LEU A 641 1.86 -0.64 -10.59
N HIS A 642 0.83 -1.02 -9.84
CA HIS A 642 0.26 -2.35 -9.91
C HIS A 642 1.24 -3.45 -9.58
N LEU A 643 1.91 -3.32 -8.43
CA LEU A 643 2.77 -4.38 -7.92
C LEU A 643 2.08 -5.08 -6.75
N SER A 644 2.20 -6.40 -6.68
CA SER A 644 1.59 -7.17 -5.60
C SER A 644 2.57 -7.49 -4.47
N ASN A 645 2.05 -7.57 -3.25
CA ASN A 645 2.82 -8.00 -2.09
C ASN A 645 4.06 -7.15 -1.84
N VAL A 646 3.89 -5.83 -1.96
CA VAL A 646 4.94 -4.88 -1.64
C VAL A 646 4.70 -4.17 -0.31
N VAL A 647 3.48 -4.25 0.20
CA VAL A 647 3.20 -3.81 1.57
C VAL A 647 3.64 -4.89 2.54
N GLN A 648 4.69 -4.59 3.32
CA GLN A 648 5.36 -5.61 4.13
C GLN A 648 5.58 -5.14 5.56
N TYR A 649 5.76 -6.10 6.46
CA TYR A 649 5.84 -5.86 7.90
C TYR A 649 7.19 -6.34 8.42
N ILE A 650 7.84 -5.51 9.22
CA ILE A 650 9.07 -5.92 9.90
C ILE A 650 8.99 -5.60 11.39
N ASP A 651 9.85 -6.26 12.16
CA ASP A 651 9.90 -6.10 13.61
C ASP A 651 11.29 -5.57 13.95
N LEU A 652 11.35 -4.50 14.73
CA LEU A 652 12.64 -3.91 15.10
C LEU A 652 12.71 -3.70 16.61
N GLU A 653 13.93 -3.71 17.15
CA GLU A 653 14.16 -3.37 18.55
C GLU A 653 14.88 -2.03 18.61
N ILE A 654 14.74 -1.32 19.72
CA ILE A 654 15.32 0.03 19.81
C ILE A 654 16.83 0.00 19.58
N ASN A 655 17.50 -0.99 20.15
CA ASN A 655 18.95 -1.12 19.92
C ASN A 655 19.34 -1.24 18.43
N ASP A 656 18.43 -1.70 17.59
CA ASP A 656 18.68 -1.76 16.16
C ASP A 656 18.75 -0.36 15.58
N LEU A 657 17.95 0.55 16.14
CA LEU A 657 17.81 1.90 15.60
C LEU A 657 18.91 2.85 16.05
N THR A 658 19.48 2.60 17.23
CA THR A 658 20.36 3.56 17.91
C THR A 658 21.84 3.20 17.83
S DMS B . 17.99 -5.35 -19.89
O DMS B . 19.48 -5.38 -19.74
C1 DMS B . 17.31 -4.41 -18.51
C2 DMS B . 17.57 -4.23 -21.25
S DMS C . 2.67 -8.44 -9.89
O DMS C . 3.46 -7.97 -8.69
C1 DMS C . 3.45 -8.12 -11.49
C2 DMS C . 2.54 -10.25 -9.79
S DMS D . 5.36 -18.66 -3.96
O DMS D . 6.72 -18.90 -3.42
C1 DMS D . 4.75 -20.22 -4.68
C2 DMS D . 4.19 -18.54 -2.58
P PO4 E . -3.63 8.29 -0.91
O1 PO4 E . -4.59 7.12 -0.89
O2 PO4 E . -4.34 9.49 -1.50
O3 PO4 E . -2.41 7.92 -1.73
O4 PO4 E . -3.20 8.64 0.49
S DMS F . -1.16 3.25 19.55
O DMS F . -0.25 2.22 18.97
C1 DMS F . -1.34 2.93 21.32
C2 DMS F . -0.23 4.81 19.65
S DMS G . -33.12 1.54 -10.88
O DMS G . -34.37 2.17 -10.31
C1 DMS G . -33.56 0.70 -12.43
C2 DMS G . -32.10 2.88 -11.54
S DMS H . -19.21 -5.07 6.74
O DMS H . -19.22 -5.09 8.24
C1 DMS H . -17.65 -4.35 6.22
C2 DMS H . -18.94 -6.75 6.09
#